data_6L1N
#
_entry.id   6L1N
#
_cell.length_a   71.290
_cell.length_b   56.910
_cell.length_c   78.500
_cell.angle_alpha   90.000
_cell.angle_beta   97.860
_cell.angle_gamma   90.000
#
_symmetry.space_group_name_H-M   'P 1 21 1'
#
loop_
_entity.id
_entity.type
_entity.pdbx_description
1 polymer Aminotransferase
2 non-polymer GLYCINE
3 non-polymer "PYRIDOXAL-5'-PHOSPHATE"
4 water water
#
_entity_poly.entity_id   1
_entity_poly.type   'polypeptide(L)'
_entity_poly.pdbx_seq_one_letter_code
;MEITPSDVIKTLPRQEFSLVFQKVKEMEKTGAHIINLGQGNPDLPTPPHIVEALREASLNPSFHGYGPFRGYPFLKEAIA
AFYKREYGVTINPETEVALFGGGKAGLYVLTQCLLNPGDIALVPNPGYPEYLSGITMARAELYEMPLYEENGYLPDFEKI
DPAVLEKAKLMFLNYPNNPTGAVADAAFYAKAAAFAKEHNIHLIHDFAYGAFEFDQKPASFLEAEDAKTVGAELYSFSKT
FNMAGWRMAFAVGNEKIIQAVNEFQDHVFVGMFGGLQQAASAALSGDPEHTESLKRIYKERIDFFTALCEKELGWKMEKP
KGTFYVWAEIPNTFETSHQFSDYLLEHAHVVVTPGEIFGSNGKRHVRISMVSKQEDLREFVTRIQKLNLPFGSLQETSR
;
_entity_poly.pdbx_strand_id   A,B
#
# COMPACT_ATOMS: atom_id res chain seq x y z
N MET A 1 -6.87 -25.80 -11.67
CA MET A 1 -7.16 -24.39 -12.07
C MET A 1 -6.69 -23.40 -11.00
N GLU A 2 -6.34 -22.20 -11.44
CA GLU A 2 -6.06 -21.08 -10.51
C GLU A 2 -7.29 -20.89 -9.64
N ILE A 3 -7.15 -21.01 -8.33
CA ILE A 3 -8.23 -20.81 -7.36
C ILE A 3 -7.81 -19.86 -6.26
N THR A 4 -8.12 -18.60 -6.49
CA THR A 4 -8.07 -17.50 -5.52
C THR A 4 -8.79 -17.79 -4.19
N PRO A 5 -8.43 -17.14 -3.04
CA PRO A 5 -9.22 -17.44 -1.87
C PRO A 5 -10.56 -16.82 -2.03
N SER A 6 -11.53 -17.43 -1.36
CA SER A 6 -12.95 -17.14 -1.56
C SER A 6 -13.30 -15.69 -1.20
N ASP A 7 -12.66 -15.18 -0.16
CA ASP A 7 -12.97 -13.85 0.37
C ASP A 7 -12.81 -12.68 -0.60
N VAL A 8 -11.91 -12.80 -1.56
CA VAL A 8 -11.63 -11.71 -2.49
C VAL A 8 -12.89 -11.31 -3.25
N ILE A 9 -13.62 -12.29 -3.78
CA ILE A 9 -14.83 -12.00 -4.62
C ILE A 9 -16.09 -11.89 -3.69
N LYS A 10 -15.86 -12.21 -2.41
CA LYS A 10 -16.77 -11.90 -1.31
C LYS A 10 -16.63 -10.49 -0.77
N THR A 11 -15.84 -9.62 -1.42
CA THR A 11 -15.81 -8.19 -1.12
C THR A 11 -16.79 -7.46 -2.03
N LEU A 12 -17.20 -6.26 -1.64
CA LEU A 12 -18.13 -5.45 -2.45
C LEU A 12 -17.66 -5.42 -3.90
N PRO A 13 -18.58 -5.37 -4.86
CA PRO A 13 -18.14 -5.12 -6.24
C PRO A 13 -17.65 -3.68 -6.33
N ARG A 14 -16.38 -3.49 -6.69
CA ARG A 14 -15.77 -2.16 -6.72
C ARG A 14 -16.53 -1.27 -7.70
N GLN A 15 -17.52 -0.55 -7.18
CA GLN A 15 -18.53 0.09 -8.01
C GLN A 15 -17.99 1.34 -8.71
N GLU A 16 -17.16 2.10 -7.99
CA GLU A 16 -16.42 3.23 -8.59
C GLU A 16 -15.49 2.71 -9.70
N PHE A 17 -14.98 1.47 -9.49
CA PHE A 17 -14.11 0.75 -10.45
C PHE A 17 -14.86 0.15 -11.65
N SER A 18 -16.07 -0.36 -11.41
CA SER A 18 -17.02 -0.70 -12.50
C SER A 18 -17.57 0.56 -13.17
N LEU A 19 -17.53 1.67 -12.43
CA LEU A 19 -17.95 2.99 -12.91
C LEU A 19 -16.94 3.60 -13.89
N VAL A 20 -15.66 3.55 -13.56
CA VAL A 20 -14.60 4.02 -14.49
C VAL A 20 -14.56 3.14 -15.77
N PHE A 21 -14.87 1.86 -15.61
CA PHE A 21 -14.81 0.88 -16.70
C PHE A 21 -15.92 1.08 -17.75
N GLN A 22 -17.17 1.12 -17.29
CA GLN A 22 -18.33 1.42 -18.17
C GLN A 22 -18.20 2.80 -18.84
N LYS A 23 -17.68 3.77 -18.09
CA LYS A 23 -17.50 5.14 -18.56
C LYS A 23 -16.52 5.18 -19.72
N VAL A 24 -15.31 4.66 -19.49
CA VAL A 24 -14.29 4.57 -20.54
C VAL A 24 -14.84 3.79 -21.76
N LYS A 25 -15.59 2.72 -21.47
CA LYS A 25 -16.28 1.91 -22.50
C LYS A 25 -17.24 2.75 -23.33
N GLU A 26 -17.91 3.71 -22.69
CA GLU A 26 -18.64 4.75 -23.40
C GLU A 26 -17.65 5.70 -24.05
N MET A 27 -17.08 5.24 -25.17
CA MET A 27 -16.16 6.01 -26.00
C MET A 27 -15.86 5.30 -27.31
N LYS A 29 -18.72 8.23 -28.32
CA LYS A 29 -18.14 8.87 -29.50
C LYS A 29 -17.60 10.26 -29.15
N THR A 30 -16.31 10.35 -28.79
CA THR A 30 -15.46 9.19 -28.39
C THR A 30 -15.73 9.10 -26.89
N GLY A 31 -14.76 9.40 -26.02
CA GLY A 31 -15.06 9.67 -24.61
C GLY A 31 -16.10 10.76 -24.61
N ALA A 32 -17.37 10.37 -24.81
CA ALA A 32 -18.49 11.29 -25.07
C ALA A 32 -18.53 12.26 -23.93
N HIS A 33 -19.10 13.45 -24.11
CA HIS A 33 -19.00 14.42 -23.02
C HIS A 33 -19.89 13.97 -21.85
N ILE A 34 -19.39 13.01 -21.09
CA ILE A 34 -20.05 12.47 -19.90
C ILE A 34 -19.69 13.39 -18.76
N ILE A 35 -20.70 14.02 -18.15
CA ILE A 35 -20.49 14.81 -16.97
C ILE A 35 -20.51 13.88 -15.74
N ASN A 36 -19.34 13.61 -15.17
CA ASN A 36 -19.19 12.62 -14.15
C ASN A 36 -19.23 13.24 -12.74
N LEU A 37 -20.41 13.25 -12.13
CA LEU A 37 -20.56 13.63 -10.73
C LEU A 37 -20.74 12.41 -9.78
N GLY A 38 -20.16 11.29 -10.19
CA GLY A 38 -20.13 10.06 -9.38
C GLY A 38 -18.98 10.07 -8.41
N GLN A 39 -17.86 9.47 -8.80
CA GLN A 39 -16.66 9.46 -7.90
C GLN A 39 -16.28 10.85 -7.38
N GLY A 40 -15.89 10.93 -6.09
CA GLY A 40 -15.45 12.15 -5.50
C GLY A 40 -14.05 12.53 -5.91
N ASN A 41 -13.86 12.74 -7.21
CA ASN A 41 -12.55 13.02 -7.79
C ASN A 41 -12.37 14.51 -8.01
N PRO A 42 -11.56 15.17 -7.16
CA PRO A 42 -11.33 16.59 -7.24
C PRO A 42 -10.89 17.04 -8.65
N ASP A 43 -11.51 18.10 -9.14
CA ASP A 43 -11.28 18.52 -10.53
C ASP A 43 -10.13 19.59 -10.60
N LEU A 44 -9.90 20.31 -9.50
CA LEU A 44 -8.85 21.32 -9.45
C LEU A 44 -7.44 20.73 -9.18
N PRO A 45 -6.38 21.37 -9.75
CA PRO A 45 -5.02 20.82 -9.64
C PRO A 45 -4.47 20.97 -8.25
N THR A 46 -3.50 20.16 -7.89
CA THR A 46 -2.75 20.35 -6.66
C THR A 46 -2.12 21.73 -6.67
N PRO A 47 -2.14 22.47 -5.53
CA PRO A 47 -1.47 23.76 -5.39
C PRO A 47 0.00 23.70 -5.81
N PRO A 48 0.49 24.69 -6.57
CA PRO A 48 1.82 24.65 -7.18
C PRO A 48 2.96 24.48 -6.15
N HIS A 49 2.78 25.00 -4.96
CA HIS A 49 3.82 24.86 -3.93
C HIS A 49 4.00 23.41 -3.45
N ILE A 50 2.96 22.60 -3.54
CA ILE A 50 3.07 21.19 -3.19
C ILE A 50 3.80 20.46 -4.30
N VAL A 51 3.40 20.73 -5.52
CA VAL A 51 4.05 20.19 -6.67
C VAL A 51 5.56 20.55 -6.68
N GLU A 52 5.88 21.78 -6.27
CA GLU A 52 7.28 22.25 -6.38
C GLU A 52 8.10 21.58 -5.28
N ALA A 53 7.48 21.32 -4.13
CA ALA A 53 8.13 20.62 -3.01
C ALA A 53 8.50 19.21 -3.46
N LEU A 54 7.58 18.52 -4.16
CA LEU A 54 7.87 17.24 -4.77
C LEU A 54 9.00 17.30 -5.81
N ARG A 55 8.90 18.26 -6.74
CA ARG A 55 9.94 18.43 -7.77
C ARG A 55 11.33 18.69 -7.22
N GLU A 56 11.46 19.54 -6.19
CA GLU A 56 12.71 19.79 -5.52
C GLU A 56 13.19 18.56 -4.73
N ALA A 57 12.30 17.92 -3.93
CA ALA A 57 12.63 16.74 -3.17
C ALA A 57 13.20 15.57 -3.97
N SER A 58 12.67 15.36 -5.17
CA SER A 58 13.02 14.26 -6.03
C SER A 58 14.48 14.27 -6.48
N LEU A 59 15.10 15.45 -6.37
CA LEU A 59 16.49 15.60 -6.62
C LEU A 59 17.38 15.20 -5.43
N ASN A 60 16.83 15.02 -4.24
CA ASN A 60 17.62 14.69 -3.07
C ASN A 60 17.83 13.16 -2.98
N PRO A 61 19.09 12.70 -3.17
CA PRO A 61 19.42 11.30 -3.33
C PRO A 61 19.14 10.48 -2.07
N SER A 62 19.08 11.11 -0.89
CA SER A 62 18.61 10.47 0.31
C SER A 62 17.25 9.81 0.16
N PHE A 63 16.38 10.36 -0.68
CA PHE A 63 15.06 9.79 -0.85
C PHE A 63 15.01 8.71 -1.92
N HIS A 64 16.13 8.44 -2.57
CA HIS A 64 16.14 7.46 -3.67
C HIS A 64 16.27 6.05 -3.13
N GLY A 65 16.94 5.89 -1.99
CA GLY A 65 17.13 4.64 -1.28
C GLY A 65 16.10 4.46 -0.19
N TYR A 66 16.16 3.32 0.48
CA TYR A 66 15.22 3.01 1.56
C TYR A 66 15.32 4.09 2.65
N GLY A 67 14.18 4.50 3.19
CA GLY A 67 14.14 5.42 4.32
C GLY A 67 13.60 4.78 5.58
N PRO A 68 13.33 5.60 6.60
CA PRO A 68 12.77 5.07 7.84
C PRO A 68 11.46 4.32 7.60
N PHE A 69 11.33 3.14 8.21
CA PHE A 69 10.14 2.31 7.98
C PHE A 69 8.86 3.05 8.32
N ARG A 70 8.96 3.89 9.31
CA ARG A 70 7.78 4.50 9.89
C ARG A 70 7.57 5.92 9.35
N GLY A 71 8.29 6.28 8.29
CA GLY A 71 8.23 7.62 7.70
C GLY A 71 9.22 8.57 8.30
N TYR A 72 9.39 9.71 7.64
CA TYR A 72 10.37 10.68 8.04
C TYR A 72 9.88 11.52 9.23
N PRO A 73 10.75 11.73 10.23
CA PRO A 73 10.37 12.56 11.38
C PRO A 73 9.88 13.97 11.01
N PHE A 74 10.42 14.59 9.94
CA PHE A 74 9.95 15.90 9.51
C PHE A 74 8.42 15.89 9.15
N LEU A 75 7.92 14.80 8.57
CA LEU A 75 6.52 14.73 8.18
C LEU A 75 5.67 14.54 9.40
N LYS A 76 6.13 13.68 10.31
CA LYS A 76 5.43 13.44 11.57
C LYS A 76 5.36 14.72 12.42
N GLU A 77 6.41 15.54 12.34
CA GLU A 77 6.42 16.86 13.05
C GLU A 77 5.50 17.87 12.34
N ALA A 78 5.52 17.84 11.03
CA ALA A 78 4.58 18.63 10.24
C ALA A 78 3.12 18.32 10.59
N ILE A 79 2.80 17.06 10.82
CA ILE A 79 1.45 16.61 11.06
C ILE A 79 1.03 17.05 12.44
N ALA A 80 1.93 16.89 13.40
CA ALA A 80 1.76 17.53 14.70
C ALA A 80 1.40 19.01 14.64
N ALA A 81 2.14 19.79 13.86
CA ALA A 81 1.97 21.23 13.79
C ALA A 81 0.63 21.58 13.10
N PHE A 82 0.26 20.83 12.07
CA PHE A 82 -1.00 21.03 11.34
C PHE A 82 -2.18 20.86 12.31
N TYR A 83 -2.17 19.76 13.08
CA TYR A 83 -3.22 19.46 14.04
C TYR A 83 -3.35 20.49 15.13
N LYS A 84 -2.22 21.01 15.59
CA LYS A 84 -2.24 22.11 16.59
C LYS A 84 -2.85 23.37 15.97
N ARG A 85 -2.45 23.69 14.76
CA ARG A 85 -2.92 24.87 14.09
C ARG A 85 -4.41 24.77 13.73
N GLU A 86 -4.82 23.64 13.18
CA GLU A 86 -6.15 23.57 12.62
C GLU A 86 -7.20 23.26 13.66
N TYR A 87 -6.80 22.53 14.70
CA TYR A 87 -7.75 22.03 15.67
C TYR A 87 -7.31 22.17 17.13
N GLY A 88 -6.21 22.87 17.39
CA GLY A 88 -5.72 22.95 18.78
C GLY A 88 -5.43 21.63 19.50
N VAL A 89 -5.19 20.57 18.75
CA VAL A 89 -4.87 19.30 19.34
C VAL A 89 -3.38 19.17 19.47
N THR A 90 -2.93 18.61 20.57
CA THR A 90 -1.53 18.31 20.78
C THR A 90 -1.31 16.82 20.42
N ILE A 91 -0.37 16.58 19.53
CA ILE A 91 -0.04 15.25 19.03
C ILE A 91 1.45 15.05 19.22
N ASN A 92 1.82 13.98 19.90
CA ASN A 92 3.23 13.55 20.00
C ASN A 92 3.71 12.79 18.74
N PRO A 93 4.50 13.47 17.87
CA PRO A 93 4.77 12.96 16.50
C PRO A 93 5.54 11.60 16.46
N GLU A 94 6.25 11.29 17.51
CA GLU A 94 7.07 10.08 17.60
C GLU A 94 6.30 8.80 17.94
N THR A 95 5.16 8.90 18.61
CA THR A 95 4.37 7.74 19.06
C THR A 95 2.92 7.74 18.59
N GLU A 96 2.40 8.88 18.19
CA GLU A 96 0.96 8.98 17.95
C GLU A 96 0.61 9.18 16.47
N VAL A 97 1.59 9.02 15.59
CA VAL A 97 1.41 9.28 14.17
C VAL A 97 1.85 8.07 13.35
N ALA A 98 0.98 7.63 12.45
CA ALA A 98 1.33 6.60 11.45
C ALA A 98 1.04 7.09 10.03
N LEU A 99 1.92 6.78 9.08
CA LEU A 99 1.73 7.15 7.67
C LEU A 99 1.12 6.03 6.82
N PHE A 100 0.32 6.39 5.81
CA PHE A 100 -0.36 5.45 4.95
C PHE A 100 -0.37 5.91 3.47
N GLY A 101 -0.44 4.94 2.59
CA GLY A 101 -0.57 5.19 1.18
C GLY A 101 -1.99 5.49 0.78
N GLY A 102 -2.56 6.54 1.37
CA GLY A 102 -3.94 6.94 1.18
C GLY A 102 -4.88 6.35 2.20
N GLY A 103 -6.01 7.02 2.37
CA GLY A 103 -7.00 6.65 3.34
C GLY A 103 -7.58 5.26 3.22
N LYS A 104 -7.77 4.82 1.97
CA LYS A 104 -8.23 3.48 1.72
C LYS A 104 -7.27 2.45 2.37
N ALA A 105 -5.99 2.71 2.20
CA ALA A 105 -4.94 1.84 2.74
C ALA A 105 -4.93 1.89 4.29
N GLY A 106 -5.12 3.07 4.84
CA GLY A 106 -5.23 3.33 6.26
C GLY A 106 -6.39 2.60 6.94
N LEU A 107 -7.54 2.63 6.30
CA LEU A 107 -8.71 1.93 6.86
C LEU A 107 -8.48 0.44 6.90
N TYR A 108 -7.88 -0.10 5.84
CA TYR A 108 -7.63 -1.51 5.75
C TYR A 108 -6.67 -1.94 6.88
N VAL A 109 -5.53 -1.29 6.97
CA VAL A 109 -4.50 -1.60 7.97
C VAL A 109 -5.03 -1.48 9.42
N LEU A 110 -5.69 -0.38 9.71
CA LEU A 110 -6.31 -0.19 11.02
C LEU A 110 -7.23 -1.34 11.41
N THR A 111 -8.07 -1.78 10.46
CA THR A 111 -8.94 -2.86 10.68
C THR A 111 -8.21 -4.19 10.97
N GLN A 112 -7.20 -4.52 10.17
CA GLN A 112 -6.42 -5.74 10.37
C GLN A 112 -5.68 -5.74 11.74
N CYS A 113 -5.31 -4.56 12.23
CA CYS A 113 -4.60 -4.44 13.50
C CYS A 113 -5.53 -4.47 14.72
N LEU A 114 -6.82 -4.24 14.49
CA LEU A 114 -7.80 -4.05 15.54
C LEU A 114 -8.91 -5.10 15.68
N LEU A 115 -9.14 -5.89 14.65
CA LEU A 115 -10.25 -6.85 14.62
C LEU A 115 -9.80 -8.31 14.54
N ASN A 116 -10.37 -9.16 15.39
CA ASN A 116 -10.20 -10.59 15.24
C ASN A 116 -11.43 -11.29 14.59
N PRO A 117 -11.20 -12.47 14.02
CA PRO A 117 -12.33 -13.25 13.51
C PRO A 117 -13.37 -13.37 14.61
N GLY A 118 -14.63 -13.20 14.26
CA GLY A 118 -15.66 -13.33 15.27
C GLY A 118 -16.08 -12.06 15.99
N ASP A 119 -15.17 -11.07 16.18
CA ASP A 119 -15.54 -9.75 16.64
C ASP A 119 -16.58 -9.09 15.75
N ILE A 120 -17.28 -8.13 16.34
CA ILE A 120 -18.25 -7.33 15.61
C ILE A 120 -17.62 -5.97 15.38
N ALA A 121 -17.81 -5.47 14.17
CA ALA A 121 -17.46 -4.11 13.86
C ALA A 121 -18.77 -3.37 13.61
N LEU A 122 -18.90 -2.19 14.19
CA LEU A 122 -20.10 -1.36 14.03
C LEU A 122 -19.87 -0.41 12.86
N VAL A 123 -20.69 -0.49 11.85
CA VAL A 123 -20.49 0.27 10.62
C VAL A 123 -21.73 1.12 10.33
N PRO A 124 -21.56 2.39 10.01
CA PRO A 124 -22.71 3.30 9.73
C PRO A 124 -23.45 2.95 8.42
N ASN A 125 -24.79 3.10 8.38
CA ASN A 125 -25.57 2.80 7.20
C ASN A 125 -26.58 3.97 7.02
N PRO A 126 -26.36 4.86 6.03
CA PRO A 126 -25.38 4.70 4.94
C PRO A 126 -23.95 5.04 5.36
N GLY A 127 -22.99 4.52 4.64
CA GLY A 127 -21.58 4.84 4.87
C GLY A 127 -20.66 4.39 3.75
N TYR A 128 -19.43 4.85 3.85
CA TYR A 128 -18.40 4.55 2.89
C TYR A 128 -18.26 3.00 2.73
N PRO A 129 -18.40 2.51 1.48
CA PRO A 129 -18.41 1.06 1.27
C PRO A 129 -17.13 0.30 1.70
N GLU A 130 -15.98 0.97 1.77
CA GLU A 130 -14.74 0.30 2.01
C GLU A 130 -14.57 -0.11 3.44
N TYR A 131 -15.36 0.45 4.36
CA TYR A 131 -15.39 -0.09 5.71
C TYR A 131 -15.62 -1.63 5.69
N LEU A 132 -16.45 -2.12 4.78
CA LEU A 132 -16.73 -3.56 4.68
C LEU A 132 -15.56 -4.40 4.23
N SER A 133 -14.62 -3.79 3.53
CA SER A 133 -13.51 -4.48 2.92
C SER A 133 -12.55 -5.02 3.94
N GLY A 134 -12.08 -4.16 4.85
CA GLY A 134 -11.16 -4.61 5.88
C GLY A 134 -11.82 -5.62 6.83
N ILE A 135 -13.10 -5.38 7.14
CA ILE A 135 -13.89 -6.19 8.05
C ILE A 135 -14.00 -7.58 7.47
N THR A 136 -14.31 -7.65 6.17
CA THR A 136 -14.35 -8.88 5.43
C THR A 136 -13.02 -9.59 5.43
N MET A 137 -11.96 -8.87 5.11
CA MET A 137 -10.64 -9.48 5.08
C MET A 137 -10.20 -9.99 6.44
N ALA A 138 -10.65 -9.33 7.48
CA ALA A 138 -10.38 -9.78 8.87
C ALA A 138 -11.30 -10.92 9.34
N ARG A 139 -12.22 -11.34 8.48
CA ARG A 139 -13.13 -12.44 8.73
C ARG A 139 -14.00 -12.12 9.96
N ALA A 140 -14.42 -10.86 10.11
CA ALA A 140 -15.18 -10.42 11.27
C ALA A 140 -16.61 -10.19 10.91
N GLU A 141 -17.41 -9.87 11.91
CA GLU A 141 -18.82 -9.71 11.69
C GLU A 141 -19.15 -8.21 11.68
N LEU A 142 -20.19 -7.87 10.95
CA LEU A 142 -20.61 -6.51 10.72
C LEU A 142 -21.98 -6.30 11.37
N TYR A 143 -22.11 -5.19 12.08
CA TYR A 143 -23.42 -4.72 12.55
C TYR A 143 -23.60 -3.26 12.09
N GLU A 144 -24.69 -2.99 11.37
CA GLU A 144 -25.01 -1.67 10.87
C GLU A 144 -25.63 -0.78 11.93
N MET A 145 -25.07 0.40 12.13
CA MET A 145 -25.75 1.46 12.87
C MET A 145 -26.47 2.32 11.87
N PRO A 146 -27.81 2.32 11.90
CA PRO A 146 -28.57 3.17 10.99
C PRO A 146 -28.33 4.68 11.25
N LEU A 147 -28.17 5.45 10.18
CA LEU A 147 -28.03 6.88 10.24
C LEU A 147 -29.29 7.43 9.58
N TYR A 148 -30.06 8.19 10.36
CA TYR A 148 -31.32 8.75 9.89
C TYR A 148 -31.27 10.25 9.77
N GLU A 149 -31.96 10.75 8.77
CA GLU A 149 -32.01 12.18 8.44
C GLU A 149 -32.44 13.07 9.62
N GLU A 150 -33.42 12.59 10.37
CA GLU A 150 -34.03 13.30 11.49
C GLU A 150 -32.97 13.56 12.58
N ASN A 151 -32.02 12.63 12.70
CA ASN A 151 -30.97 12.74 13.72
C ASN A 151 -29.76 13.42 13.19
N GLY A 152 -29.91 14.10 12.06
CA GLY A 152 -28.79 14.68 11.35
C GLY A 152 -27.77 13.65 10.95
N TYR A 153 -28.24 12.44 10.66
CA TYR A 153 -27.41 11.29 10.27
C TYR A 153 -26.29 11.01 11.27
N LEU A 154 -26.58 11.24 12.54
CA LEU A 154 -25.73 10.82 13.64
C LEU A 154 -26.33 9.53 14.19
N PRO A 155 -25.47 8.60 14.64
CA PRO A 155 -25.95 7.34 15.18
C PRO A 155 -26.57 7.50 16.58
N ASP A 156 -27.56 6.68 16.88
CA ASP A 156 -28.14 6.58 18.20
C ASP A 156 -27.54 5.34 18.87
N PHE A 157 -26.56 5.58 19.71
CA PHE A 157 -25.80 4.50 20.31
C PHE A 157 -26.65 3.65 21.28
N GLU A 158 -27.66 4.28 21.89
CA GLU A 158 -28.60 3.60 22.80
C GLU A 158 -29.45 2.54 22.11
N LYS A 159 -29.77 2.76 20.84
CA LYS A 159 -30.59 1.84 20.05
C LYS A 159 -29.88 0.53 19.63
N ILE A 160 -28.63 0.32 20.02
CA ILE A 160 -27.87 -0.89 19.65
C ILE A 160 -28.11 -2.02 20.65
N ASP A 161 -28.33 -3.21 20.12
CA ASP A 161 -28.52 -4.40 20.93
C ASP A 161 -27.37 -4.59 21.91
N PRO A 162 -27.65 -4.69 23.23
CA PRO A 162 -26.55 -4.89 24.20
C PRO A 162 -25.78 -6.19 24.03
N ALA A 163 -26.40 -7.15 23.36
CA ALA A 163 -25.75 -8.38 22.93
C ALA A 163 -24.71 -8.10 21.86
N VAL A 164 -25.10 -7.32 20.85
CA VAL A 164 -24.16 -6.85 19.81
C VAL A 164 -22.99 -6.13 20.43
N LEU A 165 -23.29 -5.33 21.45
CA LEU A 165 -22.28 -4.57 22.18
C LEU A 165 -21.26 -5.43 22.91
N GLU A 166 -21.66 -6.62 23.36
CA GLU A 166 -20.75 -7.51 24.09
C GLU A 166 -19.60 -8.04 23.18
N LYS A 167 -19.90 -8.22 21.89
CA LYS A 167 -18.95 -8.73 20.91
C LYS A 167 -18.25 -7.62 20.07
N ALA A 168 -18.69 -6.37 20.22
CA ALA A 168 -18.15 -5.26 19.42
C ALA A 168 -16.74 -4.87 19.82
N LYS A 169 -15.86 -4.83 18.84
CA LYS A 169 -14.48 -4.44 19.08
C LYS A 169 -14.08 -3.17 18.36
N LEU A 170 -14.84 -2.78 17.33
CA LEU A 170 -14.44 -1.68 16.45
C LEU A 170 -15.68 -0.93 15.94
N MET A 171 -15.55 0.37 15.81
CA MET A 171 -16.64 1.20 15.27
C MET A 171 -16.00 2.23 14.33
N PHE A 172 -16.68 2.45 13.22
CA PHE A 172 -16.31 3.49 12.27
C PHE A 172 -17.30 4.69 12.34
N LEU A 173 -16.76 5.89 12.37
CA LEU A 173 -17.56 7.09 12.22
C LEU A 173 -16.93 7.98 11.18
N ASN A 174 -17.76 8.74 10.47
CA ASN A 174 -17.28 9.57 9.37
C ASN A 174 -18.02 10.91 9.29
N TYR A 175 -17.40 11.96 9.82
CA TYR A 175 -17.93 13.32 9.76
C TYR A 175 -16.83 14.35 9.46
N PRO A 176 -17.05 15.28 8.55
CA PRO A 176 -18.16 15.35 7.60
C PRO A 176 -18.37 14.09 6.79
N ASN A 177 -19.63 13.78 6.46
CA ASN A 177 -20.03 12.46 6.09
C ASN A 177 -20.16 12.21 4.60
N ASN A 178 -19.54 11.11 4.19
CA ASN A 178 -19.80 10.49 2.91
C ASN A 178 -20.84 9.40 3.17
N PRO A 179 -22.03 9.43 2.53
CA PRO A 179 -22.45 10.29 1.44
C PRO A 179 -23.40 11.46 1.78
N THR A 180 -23.74 11.69 3.03
CA THR A 180 -24.90 12.52 3.36
C THR A 180 -24.59 14.00 3.46
N GLY A 181 -23.32 14.32 3.64
CA GLY A 181 -22.88 15.67 3.84
C GLY A 181 -23.05 16.14 5.27
N ALA A 182 -23.49 15.26 6.16
CA ALA A 182 -23.74 15.61 7.53
C ALA A 182 -22.45 15.95 8.30
N VAL A 183 -22.53 16.89 9.24
CA VAL A 183 -21.38 17.28 10.05
C VAL A 183 -21.61 16.90 11.50
N ALA A 184 -20.54 16.81 12.25
CA ALA A 184 -20.58 16.61 13.71
C ALA A 184 -19.69 17.62 14.42
N ASP A 185 -20.04 17.97 15.65
CA ASP A 185 -19.29 18.95 16.43
C ASP A 185 -18.61 18.21 17.55
N ALA A 186 -17.82 18.95 18.32
CA ALA A 186 -17.12 18.43 19.49
C ALA A 186 -17.99 17.67 20.42
N ALA A 187 -19.25 18.09 20.53
CA ALA A 187 -20.16 17.48 21.47
C ALA A 187 -20.43 16.03 21.12
N PHE A 188 -20.79 15.78 19.88
CA PHE A 188 -20.99 14.42 19.46
C PHE A 188 -19.68 13.61 19.64
N TYR A 189 -18.52 14.17 19.31
CA TYR A 189 -17.29 13.38 19.46
C TYR A 189 -17.08 12.92 20.90
N ALA A 190 -17.39 13.79 21.85
CA ALA A 190 -17.21 13.41 23.27
C ALA A 190 -18.23 12.32 23.64
N LYS A 191 -19.44 12.46 23.15
CA LYS A 191 -20.46 11.43 23.34
C LYS A 191 -20.01 10.11 22.72
N ALA A 192 -19.50 10.16 21.49
CA ALA A 192 -19.04 8.92 20.83
C ALA A 192 -17.90 8.31 21.57
N ALA A 193 -16.90 9.09 21.96
CA ALA A 193 -15.75 8.57 22.72
C ALA A 193 -16.10 7.94 24.05
N ALA A 194 -17.15 8.44 24.69
CA ALA A 194 -17.58 7.92 26.00
C ALA A 194 -18.29 6.61 25.82
N PHE A 195 -19.13 6.50 24.79
CA PHE A 195 -19.71 5.24 24.43
C PHE A 195 -18.64 4.18 24.11
N ALA A 196 -17.64 4.59 23.35
CA ALA A 196 -16.54 3.70 22.99
C ALA A 196 -15.78 3.26 24.25
N LYS A 197 -15.57 4.20 25.16
CA LYS A 197 -14.86 3.88 26.37
C LYS A 197 -15.64 2.93 27.26
N GLU A 198 -16.96 3.15 27.36
CA GLU A 198 -17.82 2.34 28.25
C GLU A 198 -17.87 0.90 27.80
N HIS A 199 -17.96 0.69 26.50
CA HIS A 199 -18.09 -0.65 25.97
C HIS A 199 -16.79 -1.26 25.49
N ASN A 200 -15.68 -0.58 25.75
CA ASN A 200 -14.36 -1.00 25.30
C ASN A 200 -14.30 -1.29 23.76
N ILE A 201 -14.73 -0.32 22.99
CA ILE A 201 -14.75 -0.40 21.53
C ILE A 201 -13.70 0.59 21.00
N HIS A 202 -12.85 0.09 20.10
CA HIS A 202 -11.86 0.94 19.39
C HIS A 202 -12.60 1.86 18.41
N LEU A 203 -12.33 3.14 18.47
CA LEU A 203 -13.02 4.07 17.59
C LEU A 203 -12.08 4.60 16.48
N ILE A 204 -12.48 4.41 15.24
CA ILE A 204 -11.76 4.97 14.10
C ILE A 204 -12.64 6.03 13.53
N HIS A 205 -12.19 7.28 13.62
CA HIS A 205 -12.87 8.37 12.99
C HIS A 205 -12.25 8.68 11.61
N ASP A 206 -13.08 8.54 10.56
CA ASP A 206 -12.65 8.79 9.19
C ASP A 206 -12.90 10.30 8.93
N PHE A 207 -11.81 11.03 8.88
CA PHE A 207 -11.79 12.51 8.73
C PHE A 207 -11.35 13.00 7.34
N ALA A 208 -11.68 12.21 6.32
CA ALA A 208 -11.30 12.52 4.95
C ALA A 208 -11.78 13.89 4.46
N TYR A 209 -12.91 14.38 4.94
CA TYR A 209 -13.43 15.72 4.60
C TYR A 209 -13.31 16.70 5.73
N GLY A 210 -12.38 16.47 6.63
CA GLY A 210 -12.10 17.32 7.76
C GLY A 210 -11.80 18.77 7.50
N ALA A 211 -11.46 19.13 6.28
CA ALA A 211 -11.33 20.53 5.93
C ALA A 211 -12.66 21.20 5.52
N PHE A 212 -13.67 20.41 5.17
CA PHE A 212 -14.81 20.90 4.43
C PHE A 212 -16.07 20.84 5.29
N GLU A 213 -16.12 21.74 6.24
CA GLU A 213 -17.37 22.09 6.92
C GLU A 213 -17.55 23.59 6.70
N PHE A 214 -18.74 23.96 6.26
CA PHE A 214 -19.05 25.33 5.83
C PHE A 214 -19.67 26.22 6.91
N ASP A 215 -20.46 25.63 7.82
CA ASP A 215 -21.18 26.38 8.88
C ASP A 215 -20.46 26.45 10.26
N GLN A 216 -19.13 26.30 10.24
CA GLN A 216 -18.23 26.43 11.43
C GLN A 216 -16.87 25.89 11.02
N LYS A 217 -15.82 26.27 11.75
CA LYS A 217 -14.50 25.59 11.62
C LYS A 217 -14.64 24.11 12.11
N PRO A 218 -14.19 23.15 11.30
CA PRO A 218 -14.45 21.74 11.62
C PRO A 218 -13.71 21.28 12.88
N ALA A 219 -14.35 20.39 13.63
CA ALA A 219 -13.78 19.89 14.85
C ALA A 219 -13.21 18.52 14.56
N SER A 220 -12.09 18.22 15.20
CA SER A 220 -11.47 16.92 15.13
C SER A 220 -12.00 16.06 16.28
N PHE A 221 -12.10 14.75 16.01
CA PHE A 221 -12.41 13.77 16.99
C PHE A 221 -11.50 13.87 18.17
N LEU A 222 -10.23 14.22 17.93
CA LEU A 222 -9.28 14.26 19.03
C LEU A 222 -9.41 15.46 19.96
N GLU A 223 -10.32 16.38 19.65
CA GLU A 223 -10.67 17.43 20.59
C GLU A 223 -11.48 16.91 21.78
N ALA A 224 -12.10 15.74 21.64
CA ALA A 224 -12.92 15.14 22.68
C ALA A 224 -12.12 14.54 23.84
N GLU A 225 -12.69 14.62 25.03
CA GLU A 225 -12.16 13.90 26.21
C GLU A 225 -12.27 12.41 25.91
N ASP A 226 -11.24 11.66 26.29
CA ASP A 226 -11.23 10.20 26.06
C ASP A 226 -10.93 9.77 24.60
N ALA A 227 -10.96 10.71 23.65
CA ALA A 227 -10.70 10.38 22.22
C ALA A 227 -9.38 9.61 22.02
N LYS A 228 -8.29 10.14 22.59
CA LYS A 228 -6.94 9.53 22.48
C LYS A 228 -6.82 8.23 23.30
N THR A 229 -7.69 8.02 24.26
CA THR A 229 -7.73 6.78 25.00
C THR A 229 -8.38 5.64 24.21
N VAL A 230 -9.33 5.96 23.36
CA VAL A 230 -10.17 4.94 22.73
C VAL A 230 -9.94 4.73 21.22
N GLY A 231 -9.21 5.63 20.57
CA GLY A 231 -9.21 5.59 19.10
C GLY A 231 -8.17 6.34 18.32
N ALA A 232 -8.51 6.57 17.04
CA ALA A 232 -7.62 7.23 16.14
C ALA A 232 -8.41 7.92 15.04
N GLU A 233 -7.80 8.92 14.45
CA GLU A 233 -8.44 9.70 13.41
C GLU A 233 -7.60 9.51 12.14
N LEU A 234 -8.29 9.19 11.07
CA LEU A 234 -7.63 9.03 9.79
C LEU A 234 -7.81 10.31 8.98
N TYR A 235 -6.70 10.91 8.60
CA TYR A 235 -6.69 12.13 7.77
C TYR A 235 -6.08 11.84 6.37
N SER A 236 -6.79 12.20 5.31
CA SER A 236 -6.29 12.06 3.93
C SER A 236 -5.87 13.40 3.33
N PHE A 237 -4.88 13.38 2.48
CA PHE A 237 -4.49 14.58 1.70
C PHE A 237 -5.37 14.75 0.45
N SER A 238 -6.14 13.71 0.13
CA SER A 238 -6.79 13.58 -1.17
C SER A 238 -7.72 14.73 -1.47
N LYS A 239 -8.63 14.97 -0.54
CA LYS A 239 -9.64 16.02 -0.66
C LYS A 239 -9.17 17.40 -0.23
N THR A 240 -8.49 17.50 0.92
CA THR A 240 -8.00 18.78 1.41
C THR A 240 -7.14 19.50 0.40
N PHE A 241 -6.27 18.76 -0.30
CA PHE A 241 -5.22 19.45 -1.07
C PHE A 241 -5.23 19.14 -2.54
N ASN A 242 -6.34 18.65 -3.04
CA ASN A 242 -6.39 18.18 -4.42
C ASN A 242 -5.24 17.23 -4.70
N MET A 243 -5.09 16.23 -3.84
CA MET A 243 -3.97 15.25 -3.98
C MET A 243 -4.44 13.79 -4.07
N ALA A 244 -5.63 13.58 -4.66
CA ALA A 244 -6.22 12.26 -4.68
C ALA A 244 -5.31 11.27 -5.37
N GLY A 245 -4.63 11.72 -6.44
CA GLY A 245 -3.70 10.87 -7.19
C GLY A 245 -2.43 10.47 -6.45
N TRP A 246 -2.07 11.21 -5.41
CA TRP A 246 -0.78 11.15 -4.81
C TRP A 246 -0.69 10.01 -3.77
N ARG A 247 -1.84 9.60 -3.21
CA ARG A 247 -1.98 8.41 -2.34
C ARG A 247 -1.26 8.61 -1.05
N MET A 248 -1.74 9.54 -0.27
CA MET A 248 -1.14 9.85 1.02
C MET A 248 -2.19 10.15 2.07
N ALA A 249 -1.89 9.74 3.30
CA ALA A 249 -2.82 9.88 4.44
C ALA A 249 -2.04 9.57 5.67
N PHE A 250 -2.67 9.82 6.82
CA PHE A 250 -2.07 9.46 8.10
C PHE A 250 -3.13 9.24 9.13
N ALA A 251 -2.73 8.58 10.22
CA ALA A 251 -3.58 8.45 11.39
C ALA A 251 -2.87 9.01 12.59
N VAL A 252 -3.68 9.67 13.38
CA VAL A 252 -3.22 10.21 14.67
C VAL A 252 -4.11 9.64 15.75
N GLY A 253 -3.49 9.20 16.81
CA GLY A 253 -4.25 8.77 17.98
C GLY A 253 -3.45 7.99 18.98
N ASN A 254 -4.15 7.06 19.61
CA ASN A 254 -3.64 6.29 20.73
C ASN A 254 -2.32 5.59 20.35
N GLU A 255 -1.30 5.84 21.16
CA GLU A 255 0.01 5.28 20.93
C GLU A 255 0.03 3.77 20.80
N LYS A 256 -0.92 3.09 21.40
CA LYS A 256 -0.96 1.66 21.29
C LYS A 256 -1.57 1.17 19.94
N ILE A 257 -2.50 1.92 19.42
CA ILE A 257 -3.03 1.66 18.11
C ILE A 257 -1.94 1.87 17.04
N ILE A 258 -1.25 2.99 17.13
CA ILE A 258 -0.16 3.35 16.25
C ILE A 258 0.97 2.29 16.33
N GLN A 259 1.27 1.74 17.53
CA GLN A 259 2.27 0.68 17.62
C GLN A 259 1.86 -0.56 16.88
N ALA A 260 0.59 -0.96 16.97
CA ALA A 260 0.09 -2.08 16.18
C ALA A 260 0.21 -1.78 14.64
N VAL A 261 -0.09 -0.56 14.26
CA VAL A 261 0.02 -0.20 12.89
C VAL A 261 1.44 -0.34 12.42
N ASN A 262 2.35 0.21 13.20
CA ASN A 262 3.74 0.16 12.84
C ASN A 262 4.21 -1.27 12.71
N GLU A 263 3.83 -2.11 13.64
CA GLU A 263 4.26 -3.50 13.59
C GLU A 263 3.73 -4.21 12.33
N PHE A 264 2.51 -3.88 11.92
CA PHE A 264 1.97 -4.43 10.69
C PHE A 264 2.72 -3.90 9.49
N GLN A 265 2.81 -2.58 9.38
CA GLN A 265 3.40 -1.96 8.23
C GLN A 265 4.87 -2.22 8.00
N ASP A 266 5.60 -2.48 9.07
CA ASP A 266 7.00 -2.91 8.96
C ASP A 266 7.19 -4.11 8.04
N HIS A 267 6.19 -4.97 7.91
CA HIS A 267 6.25 -6.14 7.04
C HIS A 267 5.71 -5.97 5.65
N VAL A 268 5.03 -4.85 5.39
CA VAL A 268 4.32 -4.63 4.13
C VAL A 268 4.88 -3.47 3.33
N PHE A 269 5.43 -2.48 4.03
CA PHE A 269 5.95 -1.28 3.49
C PHE A 269 7.34 -0.94 3.99
N VAL A 270 8.00 -0.03 3.28
CA VAL A 270 9.16 0.67 3.81
C VAL A 270 8.88 2.17 3.71
N GLY A 271 8.00 2.66 4.55
CA GLY A 271 7.55 4.06 4.50
C GLY A 271 6.90 4.36 3.17
N MET A 272 7.31 5.45 2.54
CA MET A 272 6.83 5.94 1.22
C MET A 272 7.80 6.95 0.64
N PHE A 273 7.71 7.24 -0.66
CA PHE A 273 8.73 8.05 -1.32
C PHE A 273 8.91 9.36 -0.62
N GLY A 274 10.17 9.58 -0.16
CA GLY A 274 10.53 10.77 0.56
C GLY A 274 10.11 12.06 -0.15
N GLY A 275 10.06 12.04 -1.47
CA GLY A 275 9.58 13.14 -2.26
C GLY A 275 8.14 13.44 -1.98
N LEU A 276 7.35 12.40 -1.91
CA LEU A 276 5.96 12.54 -1.53
C LEU A 276 5.81 13.06 -0.11
N GLN A 277 6.65 12.56 0.80
CA GLN A 277 6.59 13.02 2.16
C GLN A 277 6.92 14.52 2.31
N GLN A 278 7.90 14.99 1.55
CA GLN A 278 8.28 16.39 1.52
C GLN A 278 7.13 17.25 0.93
N ALA A 279 6.48 16.75 -0.11
CA ALA A 279 5.31 17.42 -0.67
C ALA A 279 4.19 17.51 0.33
N ALA A 280 3.92 16.40 1.05
CA ALA A 280 2.99 16.35 2.17
C ALA A 280 3.27 17.38 3.26
N SER A 281 4.55 17.49 3.63
CA SER A 281 4.98 18.45 4.61
C SER A 281 4.69 19.92 4.16
N ALA A 282 4.98 20.21 2.90
CA ALA A 282 4.67 21.50 2.32
C ALA A 282 3.17 21.84 2.33
N ALA A 283 2.36 20.83 2.05
CA ALA A 283 0.90 20.96 2.13
C ALA A 283 0.45 21.35 3.53
N LEU A 284 0.88 20.58 4.52
CA LEU A 284 0.52 20.85 5.88
C LEU A 284 1.06 22.19 6.45
N SER A 285 2.23 22.60 6.02
CA SER A 285 2.81 23.81 6.56
C SER A 285 2.38 25.01 5.72
N GLY A 286 1.67 24.79 4.62
CA GLY A 286 1.28 25.87 3.73
C GLY A 286 0.25 26.80 4.36
N ASP A 287 0.03 27.92 3.69
CA ASP A 287 -0.91 28.90 4.24
C ASP A 287 -2.32 28.30 4.19
N PRO A 288 -3.08 28.37 5.30
CA PRO A 288 -4.46 27.90 5.31
C PRO A 288 -5.35 28.53 4.20
N GLU A 289 -4.95 29.67 3.65
CA GLU A 289 -5.72 30.32 2.58
C GLU A 289 -6.00 29.44 1.36
N HIS A 290 -5.08 28.55 1.01
CA HIS A 290 -5.34 27.60 -0.07
C HIS A 290 -6.58 26.74 0.21
N THR A 291 -6.66 26.22 1.42
CA THR A 291 -7.73 25.28 1.78
C THR A 291 -9.02 26.10 1.93
N GLU A 292 -8.91 27.28 2.52
CA GLU A 292 -10.07 28.14 2.65
C GLU A 292 -10.69 28.50 1.32
N SER A 293 -9.83 28.79 0.35
CA SER A 293 -10.27 29.03 -1.02
C SER A 293 -11.00 27.84 -1.58
N LEU A 294 -10.42 26.64 -1.36
CA LEU A 294 -11.04 25.43 -1.91
C LEU A 294 -12.44 25.20 -1.26
N LYS A 295 -12.55 25.50 0.00
CA LYS A 295 -13.81 25.34 0.70
C LYS A 295 -14.86 26.31 0.14
N ARG A 296 -14.45 27.56 -0.18
CA ARG A 296 -15.34 28.52 -0.83
C ARG A 296 -15.79 28.05 -2.16
N ILE A 297 -14.89 27.38 -2.92
CA ILE A 297 -15.23 26.88 -4.25
C ILE A 297 -16.36 25.87 -4.15
N TYR A 298 -16.17 24.88 -3.27
CA TYR A 298 -17.18 23.87 -3.03
C TYR A 298 -18.51 24.42 -2.46
N LYS A 299 -18.43 25.34 -1.52
CA LYS A 299 -19.59 25.93 -0.95
C LYS A 299 -20.42 26.67 -2.01
N GLU A 300 -19.76 27.38 -2.94
CA GLU A 300 -20.44 28.09 -4.02
C GLU A 300 -20.97 27.15 -5.09
N ARG A 301 -20.26 26.07 -5.41
CA ARG A 301 -20.82 25.09 -6.30
C ARG A 301 -22.10 24.40 -5.73
N ILE A 302 -22.09 24.11 -4.44
CA ILE A 302 -23.24 23.50 -3.73
C ILE A 302 -24.45 24.44 -3.73
N ASP A 303 -24.20 25.66 -3.33
CA ASP A 303 -25.20 26.74 -3.40
C ASP A 303 -25.77 26.88 -4.78
N PHE A 304 -24.92 26.93 -5.78
CA PHE A 304 -25.35 27.02 -7.17
C PHE A 304 -26.14 25.82 -7.66
N PHE A 305 -25.64 24.62 -7.37
CA PHE A 305 -26.26 23.41 -7.88
C PHE A 305 -27.63 23.18 -7.25
N THR A 306 -27.70 23.29 -5.94
CA THR A 306 -28.92 22.94 -5.24
C THR A 306 -30.02 23.96 -5.57
N ALA A 307 -29.62 25.22 -5.77
CA ALA A 307 -30.63 26.24 -6.09
C ALA A 307 -31.14 26.00 -7.51
N LEU A 308 -30.25 25.63 -8.42
CA LEU A 308 -30.63 25.37 -9.81
C LEU A 308 -31.46 24.09 -10.02
N CYS A 309 -31.14 23.04 -9.26
CA CYS A 309 -31.93 21.82 -9.29
C CYS A 309 -33.37 22.09 -8.78
N GLU A 310 -33.44 22.89 -7.73
CA GLU A 310 -34.70 23.24 -7.09
C GLU A 310 -35.56 24.14 -8.01
N LYS A 311 -34.97 25.17 -8.61
CA LYS A 311 -35.72 26.11 -9.43
C LYS A 311 -36.21 25.54 -10.72
N GLU A 312 -35.35 24.77 -11.37
CA GLU A 312 -35.59 24.29 -12.71
C GLU A 312 -36.26 22.94 -12.73
N LEU A 313 -35.91 22.08 -11.77
CA LEU A 313 -36.45 20.71 -11.74
C LEU A 313 -37.45 20.47 -10.62
N GLY A 314 -37.46 21.35 -9.61
CA GLY A 314 -38.24 21.12 -8.45
C GLY A 314 -37.68 19.95 -7.64
N TRP A 315 -36.44 19.59 -7.93
CA TRP A 315 -35.79 18.50 -7.25
C TRP A 315 -35.18 19.07 -5.99
N LYS A 316 -35.85 18.87 -4.87
CA LYS A 316 -35.46 19.49 -3.61
C LYS A 316 -34.26 18.76 -3.03
N MET A 317 -33.20 19.47 -2.67
CA MET A 317 -32.06 18.82 -1.97
C MET A 317 -31.68 19.66 -0.80
N GLU A 318 -31.55 19.05 0.38
CA GLU A 318 -30.93 19.73 1.52
C GLU A 318 -29.48 20.11 1.21
N LYS A 319 -29.07 21.31 1.61
CA LYS A 319 -27.71 21.76 1.40
C LYS A 319 -26.85 20.99 2.40
N PRO A 320 -25.79 20.33 1.92
CA PRO A 320 -24.91 19.72 2.90
C PRO A 320 -24.24 20.80 3.71
N LYS A 321 -23.87 20.47 4.94
CA LYS A 321 -23.14 21.38 5.81
C LYS A 321 -21.63 21.17 5.72
N GLY A 322 -21.24 20.15 4.97
CA GLY A 322 -19.85 19.69 4.86
C GLY A 322 -19.72 18.76 3.67
N THR A 323 -18.48 18.50 3.27
CA THR A 323 -18.11 17.68 2.10
C THR A 323 -18.53 18.41 0.80
N PHE A 324 -18.18 17.83 -0.31
CA PHE A 324 -18.69 18.32 -1.57
C PHE A 324 -19.80 17.47 -2.20
N TYR A 325 -20.52 16.70 -1.37
CA TYR A 325 -21.59 15.76 -1.82
C TYR A 325 -22.99 16.28 -1.56
N VAL A 326 -23.83 16.11 -2.55
CA VAL A 326 -25.25 16.36 -2.36
C VAL A 326 -25.95 15.01 -2.26
N TRP A 327 -26.75 14.80 -1.24
CA TRP A 327 -27.46 13.53 -0.99
C TRP A 327 -28.94 13.77 -1.27
N ALA A 328 -29.35 13.39 -2.45
CA ALA A 328 -30.62 13.76 -3.02
C ALA A 328 -31.59 12.55 -3.07
N GLU A 329 -32.81 12.78 -2.61
CA GLU A 329 -33.88 11.82 -2.68
C GLU A 329 -34.33 11.72 -4.15
N ILE A 330 -34.53 10.52 -4.64
CA ILE A 330 -34.91 10.30 -6.06
C ILE A 330 -36.37 10.61 -6.30
N PRO A 331 -36.72 11.31 -7.42
CA PRO A 331 -38.16 11.57 -7.63
C PRO A 331 -38.95 10.29 -7.85
N ASN A 332 -40.23 10.38 -7.51
CA ASN A 332 -41.12 9.22 -7.46
C ASN A 332 -41.42 8.63 -8.85
N THR A 333 -41.03 9.36 -9.90
CA THR A 333 -41.21 8.90 -11.28
C THR A 333 -40.30 7.71 -11.59
N PHE A 334 -39.20 7.66 -10.87
CA PHE A 334 -38.18 6.68 -11.11
C PHE A 334 -38.21 5.55 -10.13
N GLU A 335 -37.68 4.43 -10.56
CA GLU A 335 -37.61 3.26 -9.72
C GLU A 335 -36.33 3.34 -8.88
N THR A 336 -35.65 2.24 -8.69
CA THR A 336 -34.62 2.19 -7.66
C THR A 336 -33.39 3.07 -7.97
N SER A 337 -32.51 3.22 -6.98
CA SER A 337 -31.36 4.09 -7.17
C SER A 337 -30.46 3.63 -8.35
N HIS A 338 -30.27 2.35 -8.43
CA HIS A 338 -29.49 1.77 -9.51
C HIS A 338 -30.15 1.98 -10.86
N GLN A 339 -31.46 1.92 -10.93
CA GLN A 339 -32.18 2.11 -12.20
C GLN A 339 -32.19 3.58 -12.58
N PHE A 340 -32.28 4.45 -11.58
CA PHE A 340 -32.24 5.88 -11.82
C PHE A 340 -30.87 6.29 -12.35
N SER A 341 -29.82 5.83 -11.71
CA SER A 341 -28.46 6.12 -12.12
C SER A 341 -28.14 5.61 -13.55
N ASP A 342 -28.55 4.38 -13.85
CA ASP A 342 -28.41 3.89 -15.22
C ASP A 342 -29.16 4.77 -16.22
N TYR A 343 -30.35 5.17 -15.86
CA TYR A 343 -31.17 5.97 -16.74
C TYR A 343 -30.51 7.30 -17.05
N LEU A 344 -30.07 7.99 -16.00
CA LEU A 344 -29.40 9.25 -16.17
C LEU A 344 -28.18 9.12 -17.05
N LEU A 345 -27.41 8.03 -16.87
CA LEU A 345 -26.17 7.89 -17.65
C LEU A 345 -26.50 7.62 -19.14
N GLU A 346 -27.44 6.73 -19.37
CA GLU A 346 -27.82 6.39 -20.74
C GLU A 346 -28.45 7.58 -21.51
N HIS A 347 -29.36 8.33 -20.89
CA HIS A 347 -30.27 9.20 -21.64
C HIS A 347 -29.81 10.66 -21.65
N ALA A 348 -29.63 11.23 -20.45
CA ALA A 348 -28.74 12.36 -20.30
C ALA A 348 -27.41 11.65 -20.28
N HIS A 349 -26.29 12.34 -20.22
CA HIS A 349 -25.01 11.60 -20.22
C HIS A 349 -24.24 12.12 -19.03
N VAL A 350 -24.77 11.74 -17.86
CA VAL A 350 -24.27 12.21 -16.57
C VAL A 350 -24.16 11.02 -15.59
N VAL A 351 -23.20 11.08 -14.68
CA VAL A 351 -23.00 10.03 -13.67
C VAL A 351 -23.30 10.63 -12.32
N VAL A 352 -24.16 9.93 -11.58
CA VAL A 352 -24.38 10.08 -10.14
C VAL A 352 -24.21 8.69 -9.55
N THR A 353 -24.01 8.62 -8.25
CA THR A 353 -23.78 7.37 -7.60
C THR A 353 -25.04 6.87 -6.92
N PRO A 354 -25.45 5.62 -7.24
CA PRO A 354 -26.70 5.10 -6.62
C PRO A 354 -26.53 4.97 -5.12
N GLY A 355 -27.52 5.40 -4.35
CA GLY A 355 -27.36 5.42 -2.90
C GLY A 355 -27.19 4.05 -2.24
N GLU A 356 -27.73 3.02 -2.89
CA GLU A 356 -27.66 1.66 -2.39
C GLU A 356 -26.23 1.18 -2.17
N ILE A 357 -25.26 1.78 -2.86
CA ILE A 357 -23.85 1.50 -2.70
C ILE A 357 -23.39 1.72 -1.27
N PHE A 358 -24.04 2.65 -0.58
CA PHE A 358 -23.66 2.99 0.77
C PHE A 358 -24.43 2.20 1.83
N GLY A 359 -25.19 1.19 1.42
CA GLY A 359 -25.98 0.42 2.38
C GLY A 359 -27.44 0.54 2.05
N SER A 360 -28.27 -0.31 2.69
CA SER A 360 -29.70 -0.37 2.42
C SER A 360 -30.46 0.91 2.79
N ASN A 361 -29.95 1.68 3.74
CA ASN A 361 -30.51 3.01 4.04
C ASN A 361 -30.26 4.07 2.94
N GLY A 362 -29.42 3.76 1.97
CA GLY A 362 -29.24 4.57 0.81
C GLY A 362 -30.33 4.38 -0.25
N LYS A 363 -31.27 3.49 -0.02
CA LYS A 363 -32.38 3.33 -0.97
C LYS A 363 -33.10 4.67 -1.28
N ARG A 364 -33.51 4.78 -2.52
CA ARG A 364 -34.17 5.96 -3.01
C ARG A 364 -33.35 7.26 -2.84
N HIS A 365 -32.03 7.14 -2.66
CA HIS A 365 -31.14 8.31 -2.74
C HIS A 365 -30.08 8.16 -3.81
N VAL A 366 -29.55 9.31 -4.26
CA VAL A 366 -28.30 9.35 -5.01
C VAL A 366 -27.36 10.38 -4.40
N ARG A 367 -26.06 10.11 -4.59
CA ARG A 367 -24.99 11.00 -4.18
C ARG A 367 -24.46 11.68 -5.46
N ILE A 368 -24.41 13.01 -5.42
CA ILE A 368 -23.90 13.82 -6.50
C ILE A 368 -22.72 14.63 -5.96
N SER A 369 -21.57 14.45 -6.59
CA SER A 369 -20.33 15.12 -6.19
C SER A 369 -20.10 16.42 -6.96
N MET A 370 -19.78 17.48 -6.24
CA MET A 370 -19.66 18.82 -6.83
C MET A 370 -18.20 18.99 -7.33
N VAL A 371 -17.79 18.16 -8.28
CA VAL A 371 -16.43 18.11 -8.78
C VAL A 371 -16.37 18.60 -10.23
N SER A 372 -17.19 19.60 -10.57
CA SER A 372 -17.11 20.27 -11.83
C SER A 372 -17.40 21.73 -11.66
N LYS A 373 -17.04 22.54 -12.67
CA LYS A 373 -17.26 23.99 -12.56
C LYS A 373 -18.71 24.29 -12.97
N GLN A 374 -19.10 25.56 -12.89
CA GLN A 374 -20.47 26.03 -13.11
C GLN A 374 -21.10 25.54 -14.42
N GLU A 375 -20.41 25.68 -15.54
CA GLU A 375 -20.96 25.28 -16.84
C GLU A 375 -21.30 23.81 -16.91
N ASP A 376 -20.46 22.98 -16.29
CA ASP A 376 -20.68 21.53 -16.30
C ASP A 376 -21.90 21.19 -15.41
N LEU A 377 -21.98 21.85 -14.25
CA LEU A 377 -23.09 21.69 -13.31
C LEU A 377 -24.41 22.21 -13.85
N ARG A 378 -24.38 23.36 -14.53
CA ARG A 378 -25.56 23.87 -15.22
C ARG A 378 -25.96 22.91 -16.31
N GLU A 379 -25.00 22.42 -17.07
CA GLU A 379 -25.30 21.50 -18.17
C GLU A 379 -25.92 20.18 -17.67
N PHE A 380 -25.48 19.71 -16.53
CA PHE A 380 -26.11 18.53 -15.89
C PHE A 380 -27.60 18.79 -15.71
N VAL A 381 -27.95 19.93 -15.13
CA VAL A 381 -29.35 20.27 -14.91
C VAL A 381 -30.05 20.47 -16.24
N THR A 382 -29.36 21.14 -17.18
CA THR A 382 -29.91 21.38 -18.51
C THR A 382 -30.23 20.07 -19.21
N ARG A 383 -29.32 19.12 -19.15
CA ARG A 383 -29.57 17.83 -19.81
C ARG A 383 -30.77 17.07 -19.14
N ILE A 384 -30.87 17.18 -17.83
CA ILE A 384 -32.05 16.63 -17.15
C ILE A 384 -33.33 17.30 -17.61
N GLN A 385 -33.33 18.62 -17.66
CA GLN A 385 -34.50 19.40 -18.07
C GLN A 385 -35.00 18.95 -19.43
N LYS A 386 -34.05 18.62 -20.32
CA LYS A 386 -34.38 18.14 -21.69
C LYS A 386 -34.98 16.75 -21.73
N LEU A 387 -34.83 15.98 -20.65
CA LEU A 387 -35.52 14.67 -20.57
C LEU A 387 -37.06 14.75 -20.57
N ASN A 388 -37.60 15.87 -20.12
CA ASN A 388 -39.06 16.05 -19.97
C ASN A 388 -39.74 14.98 -19.09
N LEU A 389 -39.12 14.68 -17.96
CA LEU A 389 -39.72 13.82 -16.96
C LEU A 389 -40.07 14.70 -15.79
N PRO A 390 -41.14 14.35 -15.05
CA PRO A 390 -41.39 15.06 -13.81
C PRO A 390 -40.33 14.73 -12.75
N PHE A 391 -39.57 15.75 -12.34
CA PHE A 391 -38.51 15.63 -11.32
C PHE A 391 -38.86 16.25 -10.01
N GLY A 392 -40.07 16.82 -9.91
CA GLY A 392 -40.44 17.57 -8.74
C GLY A 392 -40.50 16.68 -7.52
N SER A 393 -40.12 17.22 -6.34
CA SER A 393 -40.17 16.49 -5.09
C SER A 393 -41.46 16.80 -4.34
N LEU A 394 -41.83 15.92 -3.43
CA LEU A 394 -42.97 16.16 -2.55
C LEU A 394 -42.56 16.60 -1.14
N MET B 1 -8.68 -0.94 28.01
CA MET B 1 -7.30 -1.20 27.49
C MET B 1 -7.33 -1.38 25.97
N GLU B 2 -6.18 -1.18 25.33
CA GLU B 2 -6.06 -1.32 23.88
C GLU B 2 -5.52 -2.68 23.56
N ILE B 3 -6.32 -3.53 22.92
CA ILE B 3 -5.85 -4.87 22.55
C ILE B 3 -5.71 -5.07 21.04
N THR B 4 -4.48 -5.22 20.61
CA THR B 4 -4.24 -5.41 19.18
C THR B 4 -4.69 -6.82 18.78
N PRO B 5 -5.03 -7.03 17.49
CA PRO B 5 -5.43 -8.31 16.90
C PRO B 5 -4.44 -9.39 17.22
N SER B 6 -4.89 -10.64 17.17
CA SER B 6 -3.99 -11.80 17.35
C SER B 6 -2.93 -11.94 16.23
N ASP B 7 -3.31 -11.54 15.02
CA ASP B 7 -2.37 -11.49 13.92
C ASP B 7 -1.16 -10.66 14.30
N VAL B 8 -1.39 -9.47 14.85
CA VAL B 8 -0.30 -8.60 15.26
C VAL B 8 0.49 -9.22 16.45
N ILE B 9 -0.21 -9.89 17.36
CA ILE B 9 0.45 -10.56 18.51
C ILE B 9 1.30 -11.75 17.98
N LYS B 10 0.91 -12.34 16.87
CA LYS B 10 1.61 -13.50 16.36
C LYS B 10 2.80 -13.09 15.52
N THR B 11 2.89 -11.84 15.09
CA THR B 11 3.92 -11.38 14.18
C THR B 11 5.19 -11.10 14.98
N LEU B 12 6.27 -11.70 14.57
CA LEU B 12 7.61 -11.25 14.98
C LEU B 12 7.97 -9.83 14.48
N PRO B 13 8.76 -9.02 15.25
CA PRO B 13 9.26 -7.75 14.67
C PRO B 13 10.18 -7.95 13.45
N ARG B 14 10.06 -7.04 12.48
CA ARG B 14 10.91 -7.05 11.31
C ARG B 14 12.33 -6.72 11.76
N GLN B 15 13.28 -7.58 11.44
CA GLN B 15 14.67 -7.39 11.90
C GLN B 15 15.26 -6.15 11.33
N GLU B 16 14.93 -5.83 10.08
CA GLU B 16 15.47 -4.64 9.47
C GLU B 16 14.98 -3.37 10.19
N PHE B 17 13.74 -3.35 10.67
CA PHE B 17 13.18 -2.20 11.40
C PHE B 17 13.86 -2.07 12.75
N SER B 18 14.11 -3.21 13.40
CA SER B 18 14.86 -3.26 14.69
C SER B 18 16.28 -2.72 14.54
N LEU B 19 16.97 -3.10 13.46
CA LEU B 19 18.33 -2.59 13.23
C LEU B 19 18.31 -1.14 12.92
N VAL B 20 17.37 -0.70 12.07
CA VAL B 20 17.25 0.74 11.75
C VAL B 20 17.24 1.53 13.03
N PHE B 21 16.40 1.09 13.93
CA PHE B 21 16.21 1.73 15.22
C PHE B 21 17.48 1.70 16.08
N GLN B 22 18.13 0.54 16.18
CA GLN B 22 19.39 0.44 16.99
C GLN B 22 20.51 1.28 16.40
N LYS B 23 20.67 1.17 15.09
CA LYS B 23 21.67 1.95 14.39
C LYS B 23 21.43 3.46 14.59
N VAL B 24 20.16 3.90 14.50
CA VAL B 24 19.87 5.33 14.70
C VAL B 24 20.23 5.79 16.09
N LYS B 25 19.99 4.95 17.09
CA LYS B 25 20.22 5.33 18.47
C LYS B 25 21.72 5.42 18.69
N GLU B 26 22.44 4.45 18.14
CA GLU B 26 23.89 4.42 18.27
C GLU B 26 24.52 5.65 17.61
N MET B 27 24.06 5.98 16.42
CA MET B 27 24.57 7.14 15.67
C MET B 27 24.35 8.46 16.45
N GLU B 28 23.20 8.56 17.09
CA GLU B 28 22.89 9.73 17.88
C GLU B 28 23.81 9.88 19.05
N LYS B 29 24.28 8.77 19.61
CA LYS B 29 25.20 8.78 20.70
C LYS B 29 26.61 8.89 20.20
N THR B 30 26.75 8.93 18.88
CA THR B 30 27.96 9.22 18.19
C THR B 30 28.71 8.04 17.58
N HIS B 33 29.87 6.12 14.34
CA HIS B 33 29.87 5.99 12.84
C HIS B 33 29.78 4.54 12.40
N ILE B 34 28.67 4.23 11.77
CA ILE B 34 28.33 2.83 11.39
C ILE B 34 28.43 2.61 9.90
N ILE B 35 29.03 1.53 9.49
CA ILE B 35 29.01 1.09 8.11
C ILE B 35 27.93 -0.01 7.96
N ASN B 36 26.89 0.29 7.20
CA ASN B 36 25.73 -0.54 7.14
C ASN B 36 25.67 -1.38 5.85
N LEU B 37 26.17 -2.60 5.95
CA LEU B 37 26.05 -3.60 4.88
C LEU B 37 24.96 -4.66 5.15
N GLY B 38 23.91 -4.25 5.84
CA GLY B 38 22.82 -5.12 6.25
C GLY B 38 21.77 -5.08 5.16
N GLN B 39 20.75 -4.26 5.37
CA GLN B 39 19.67 -4.10 4.42
C GLN B 39 20.20 -3.81 3.02
N GLY B 40 19.55 -4.36 2.01
CA GLY B 40 20.03 -4.27 0.66
C GLY B 40 19.66 -2.94 0.03
N ASN B 41 20.26 -1.90 0.54
CA ASN B 41 19.88 -0.53 0.20
C ASN B 41 20.93 0.04 -0.75
N PRO B 42 20.61 0.17 -2.06
CA PRO B 42 21.55 0.69 -3.04
C PRO B 42 22.16 2.04 -2.64
N ASP B 43 23.46 2.18 -2.77
CA ASP B 43 24.13 3.40 -2.39
C ASP B 43 24.11 4.46 -3.51
N LEU B 44 23.93 4.02 -4.75
CA LEU B 44 23.95 4.93 -5.90
C LEU B 44 22.57 5.56 -6.14
N PRO B 45 22.55 6.84 -6.54
CA PRO B 45 21.28 7.51 -6.83
C PRO B 45 20.50 6.93 -7.98
N THR B 46 19.20 7.17 -7.99
CA THR B 46 18.40 6.95 -9.16
C THR B 46 18.97 7.63 -10.42
N PRO B 47 19.03 6.90 -11.56
CA PRO B 47 19.50 7.55 -12.81
C PRO B 47 18.68 8.81 -13.16
N PRO B 48 19.35 9.83 -13.72
CA PRO B 48 18.75 11.15 -13.98
C PRO B 48 17.51 11.19 -14.85
N HIS B 49 17.46 10.38 -15.89
CA HIS B 49 16.31 10.38 -16.81
C HIS B 49 15.00 9.87 -16.11
N ILE B 50 15.17 9.10 -15.05
CA ILE B 50 14.02 8.64 -14.28
C ILE B 50 13.53 9.77 -13.40
N VAL B 51 14.45 10.44 -12.74
CA VAL B 51 14.14 11.58 -11.88
C VAL B 51 13.48 12.71 -12.68
N GLU B 52 13.99 12.95 -13.88
CA GLU B 52 13.45 14.02 -14.74
C GLU B 52 12.03 13.69 -15.24
N ALA B 53 11.79 12.42 -15.54
CA ALA B 53 10.46 11.95 -15.94
C ALA B 53 9.42 12.21 -14.84
N LEU B 54 9.78 11.92 -13.59
CA LEU B 54 8.94 12.26 -12.45
C LEU B 54 8.68 13.79 -12.34
N ARG B 55 9.77 14.55 -12.37
CA ARG B 55 9.71 16.00 -12.26
C ARG B 55 8.77 16.63 -13.29
N GLU B 56 8.88 16.22 -14.53
CA GLU B 56 8.01 16.70 -15.58
C GLU B 56 6.58 16.17 -15.46
N ALA B 57 6.42 14.88 -15.19
CA ALA B 57 5.07 14.34 -15.01
C ALA B 57 4.32 14.98 -13.86
N SER B 58 5.01 15.45 -12.84
CA SER B 58 4.35 16.02 -11.70
C SER B 58 3.60 17.34 -12.04
N LEU B 59 3.92 17.90 -13.20
CA LEU B 59 3.30 19.12 -13.69
C LEU B 59 2.00 18.83 -14.41
N ASN B 60 1.72 17.55 -14.70
CA ASN B 60 0.50 17.17 -15.39
C ASN B 60 -0.70 16.98 -14.43
N PRO B 61 -1.61 17.99 -14.34
CA PRO B 61 -2.80 17.91 -13.45
C PRO B 61 -3.69 16.67 -13.59
N SER B 62 -3.63 15.98 -14.72
CA SER B 62 -4.35 14.73 -14.88
C SER B 62 -3.91 13.71 -13.85
N PHE B 63 -2.67 13.81 -13.36
CA PHE B 63 -2.13 12.90 -12.35
C PHE B 63 -2.44 13.36 -10.97
N HIS B 64 -3.04 14.55 -10.82
CA HIS B 64 -3.25 15.05 -9.47
C HIS B 64 -4.49 14.40 -8.86
N GLY B 65 -5.44 14.02 -9.73
CA GLY B 65 -6.71 13.40 -9.36
C GLY B 65 -6.58 11.89 -9.39
N TYR B 66 -7.65 11.19 -9.01
CA TYR B 66 -7.70 9.76 -9.08
C TYR B 66 -7.45 9.29 -10.54
N GLY B 67 -6.57 8.28 -10.67
CA GLY B 67 -6.28 7.66 -11.94
C GLY B 67 -7.00 6.35 -12.01
N PRO B 68 -6.81 5.61 -13.10
CA PRO B 68 -7.44 4.27 -13.17
C PRO B 68 -6.91 3.40 -12.02
N PHE B 69 -7.81 2.69 -11.34
CA PHE B 69 -7.52 1.96 -10.10
C PHE B 69 -6.42 0.93 -10.30
N ARG B 70 -6.38 0.33 -11.49
CA ARG B 70 -5.39 -0.69 -11.78
C ARG B 70 -4.12 -0.19 -12.45
N GLY B 71 -3.98 1.12 -12.58
CA GLY B 71 -2.77 1.72 -13.11
C GLY B 71 -2.99 2.16 -14.57
N TYR B 72 -2.11 3.05 -15.02
CA TYR B 72 -2.21 3.59 -16.37
C TYR B 72 -1.78 2.57 -17.42
N PRO B 73 -2.57 2.48 -18.51
CA PRO B 73 -2.19 1.52 -19.54
C PRO B 73 -0.80 1.80 -20.09
N PHE B 74 -0.33 3.03 -20.11
CA PHE B 74 1.01 3.28 -20.65
C PHE B 74 2.13 2.53 -19.89
N LEU B 75 1.98 2.43 -18.57
CA LEU B 75 2.96 1.68 -17.81
C LEU B 75 2.83 0.20 -18.08
N LYS B 76 1.59 -0.30 -18.07
CA LYS B 76 1.35 -1.72 -18.36
C LYS B 76 1.91 -2.14 -19.70
N GLU B 77 1.72 -1.28 -20.71
CA GLU B 77 2.33 -1.50 -22.02
C GLU B 77 3.87 -1.48 -21.95
N ALA B 78 4.45 -0.54 -21.23
CA ALA B 78 5.90 -0.52 -21.00
C ALA B 78 6.40 -1.84 -20.34
N ILE B 79 5.66 -2.34 -19.39
CA ILE B 79 6.00 -3.56 -18.70
C ILE B 79 6.04 -4.70 -19.68
N ALA B 80 5.01 -4.85 -20.48
CA ALA B 80 5.01 -5.84 -21.55
C ALA B 80 6.18 -5.71 -22.52
N ALA B 81 6.51 -4.49 -22.95
CA ALA B 81 7.61 -4.31 -23.88
C ALA B 81 8.95 -4.70 -23.22
N PHE B 82 9.14 -4.28 -21.97
CA PHE B 82 10.32 -4.63 -21.16
C PHE B 82 10.52 -6.14 -21.00
N TYR B 83 9.48 -6.86 -20.60
CA TYR B 83 9.58 -8.28 -20.43
C TYR B 83 9.94 -9.03 -21.76
N LYS B 84 9.48 -8.49 -22.88
CA LYS B 84 9.81 -9.08 -24.21
C LYS B 84 11.28 -8.83 -24.52
N ARG B 85 11.75 -7.58 -24.37
CA ARG B 85 13.12 -7.22 -24.65
C ARG B 85 14.13 -7.93 -23.74
N GLU B 86 13.80 -7.98 -22.45
CA GLU B 86 14.71 -8.52 -21.49
C GLU B 86 14.67 -10.00 -21.41
N TYR B 87 13.51 -10.60 -21.40
CA TYR B 87 13.41 -12.02 -21.20
C TYR B 87 12.72 -12.80 -22.30
N GLY B 88 12.28 -12.14 -23.37
CA GLY B 88 11.56 -12.86 -24.45
C GLY B 88 10.25 -13.50 -24.03
N VAL B 89 9.61 -12.87 -23.05
CA VAL B 89 8.38 -13.37 -22.53
C VAL B 89 7.27 -12.46 -23.00
N THR B 90 6.19 -13.08 -23.42
CA THR B 90 5.02 -12.40 -23.92
C THR B 90 4.08 -12.15 -22.80
N ILE B 91 3.81 -10.88 -22.52
CA ILE B 91 2.81 -10.51 -21.55
C ILE B 91 1.66 -9.64 -22.10
N ASN B 92 0.42 -10.05 -21.86
CA ASN B 92 -0.74 -9.24 -22.27
C ASN B 92 -0.94 -8.03 -21.35
N PRO B 93 -0.65 -6.82 -21.84
CA PRO B 93 -0.66 -5.68 -20.94
C PRO B 93 -2.06 -5.39 -20.32
N GLU B 94 -3.13 -5.81 -20.99
CA GLU B 94 -4.45 -5.59 -20.50
C GLU B 94 -4.87 -6.56 -19.41
N THR B 95 -4.30 -7.76 -19.36
CA THR B 95 -4.82 -8.81 -18.49
C THR B 95 -3.78 -9.51 -17.57
N GLU B 96 -2.49 -9.40 -17.90
CA GLU B 96 -1.46 -10.19 -17.27
C GLU B 96 -0.46 -9.36 -16.43
N VAL B 97 -0.79 -8.13 -16.14
CA VAL B 97 0.08 -7.18 -15.41
C VAL B 97 -0.68 -6.54 -14.25
N ALA B 98 -0.10 -6.57 -13.05
CA ALA B 98 -0.63 -5.78 -11.90
C ALA B 98 0.48 -4.94 -11.27
N LEU B 99 0.13 -3.76 -10.75
CA LEU B 99 1.06 -2.83 -10.14
C LEU B 99 1.00 -2.86 -8.60
N PHE B 100 2.16 -2.66 -7.99
CA PHE B 100 2.29 -2.63 -6.53
C PHE B 100 3.15 -1.50 -6.03
N GLY B 101 2.89 -1.07 -4.80
CA GLY B 101 3.75 -0.16 -4.05
C GLY B 101 4.99 -0.80 -3.48
N GLY B 102 5.80 -1.42 -4.31
CA GLY B 102 7.01 -2.15 -3.88
C GLY B 102 6.73 -3.61 -3.81
N GLY B 103 7.79 -4.40 -3.92
CA GLY B 103 7.73 -5.82 -3.92
C GLY B 103 7.24 -6.35 -2.61
N LYS B 104 7.61 -5.65 -1.53
CA LYS B 104 7.13 -6.06 -0.20
C LYS B 104 5.58 -6.03 -0.17
N ALA B 105 4.97 -5.00 -0.73
CA ALA B 105 3.55 -4.90 -0.76
C ALA B 105 2.93 -5.92 -1.72
N GLY B 106 3.61 -6.20 -2.82
CA GLY B 106 3.18 -7.23 -3.76
C GLY B 106 3.12 -8.62 -3.17
N LEU B 107 4.08 -8.95 -2.31
CA LEU B 107 4.12 -10.20 -1.61
C LEU B 107 2.95 -10.36 -0.67
N TYR B 108 2.64 -9.28 0.05
CA TYR B 108 1.49 -9.26 0.91
C TYR B 108 0.19 -9.51 0.14
N VAL B 109 0.02 -8.78 -0.94
CA VAL B 109 -1.21 -8.80 -1.68
C VAL B 109 -1.37 -10.21 -2.30
N LEU B 110 -0.32 -10.69 -2.96
CA LEU B 110 -0.33 -12.01 -3.57
C LEU B 110 -0.67 -13.09 -2.59
N THR B 111 -0.07 -13.04 -1.37
CA THR B 111 -0.39 -13.99 -0.33
C THR B 111 -1.88 -13.91 0.10
N GLN B 112 -2.42 -12.70 0.31
CA GLN B 112 -3.81 -12.50 0.69
C GLN B 112 -4.76 -12.99 -0.37
N CYS B 113 -4.34 -12.87 -1.62
CA CYS B 113 -5.12 -13.26 -2.80
C CYS B 113 -5.01 -14.72 -3.19
N LEU B 114 -4.02 -15.46 -2.67
CA LEU B 114 -3.86 -16.84 -3.10
C LEU B 114 -4.00 -17.86 -2.04
N LEU B 115 -4.13 -17.42 -0.79
CA LEU B 115 -4.19 -18.35 0.36
C LEU B 115 -5.37 -18.03 1.21
N ASN B 116 -6.18 -19.03 1.55
CA ASN B 116 -7.16 -18.92 2.64
C ASN B 116 -6.44 -19.14 3.98
N PRO B 117 -6.99 -18.63 5.08
CA PRO B 117 -6.56 -19.07 6.41
C PRO B 117 -6.64 -20.59 6.46
N GLY B 118 -5.64 -21.19 7.07
CA GLY B 118 -5.59 -22.62 7.14
C GLY B 118 -4.85 -23.28 6.03
N ASP B 119 -4.79 -22.67 4.84
CA ASP B 119 -4.06 -23.24 3.71
C ASP B 119 -2.58 -23.37 4.01
N ILE B 120 -1.92 -24.23 3.24
CA ILE B 120 -0.52 -24.49 3.37
C ILE B 120 0.26 -23.75 2.27
N ALA B 121 1.35 -23.08 2.69
CA ALA B 121 2.29 -22.47 1.76
C ALA B 121 3.65 -23.11 1.92
N LEU B 122 4.31 -23.37 0.80
CA LEU B 122 5.64 -23.97 0.78
C LEU B 122 6.64 -22.81 0.69
N VAL B 123 7.44 -22.65 1.74
CA VAL B 123 8.35 -21.51 1.85
C VAL B 123 9.80 -22.01 1.86
N PRO B 124 10.68 -21.43 1.06
CA PRO B 124 12.08 -21.87 1.07
C PRO B 124 12.77 -21.44 2.40
N ASN B 125 13.73 -22.22 2.80
CA ASN B 125 14.50 -22.03 4.07
C ASN B 125 15.93 -22.30 3.69
N PRO B 126 16.76 -21.25 3.48
CA PRO B 126 16.48 -19.86 3.83
C PRO B 126 15.61 -19.18 2.81
N GLY B 127 14.86 -18.20 3.26
CA GLY B 127 14.06 -17.39 2.36
C GLY B 127 13.87 -15.99 2.91
N TYR B 128 13.47 -15.09 2.03
CA TYR B 128 13.19 -13.70 2.35
C TYR B 128 12.19 -13.68 3.48
N PRO B 129 12.50 -12.97 4.60
CA PRO B 129 11.69 -12.97 5.77
C PRO B 129 10.20 -12.71 5.58
N GLU B 130 9.83 -11.92 4.57
CA GLU B 130 8.44 -11.59 4.44
C GLU B 130 7.59 -12.70 3.90
N TYR B 131 8.19 -13.78 3.36
CA TYR B 131 7.37 -14.94 2.97
C TYR B 131 6.67 -15.47 4.21
N LEU B 132 7.46 -15.71 5.26
CA LEU B 132 6.92 -16.12 6.56
C LEU B 132 5.89 -15.17 7.13
N SER B 133 6.21 -13.87 7.14
CA SER B 133 5.31 -12.81 7.59
C SER B 133 3.98 -12.83 6.87
N GLY B 134 4.01 -12.90 5.53
CA GLY B 134 2.76 -12.90 4.78
C GLY B 134 1.87 -14.11 5.13
N ILE B 135 2.49 -15.27 5.32
CA ILE B 135 1.76 -16.49 5.68
C ILE B 135 1.10 -16.25 7.04
N THR B 136 1.86 -15.74 7.99
CA THR B 136 1.26 -15.31 9.26
C THR B 136 0.09 -14.32 9.12
N MET B 137 0.29 -13.26 8.36
CA MET B 137 -0.76 -12.27 8.14
C MET B 137 -1.98 -12.84 7.40
N ALA B 138 -1.74 -13.89 6.62
CA ALA B 138 -2.81 -14.62 5.94
C ALA B 138 -3.47 -15.68 6.83
N ARG B 139 -2.92 -15.91 8.00
CA ARG B 139 -3.42 -16.92 8.96
C ARG B 139 -3.36 -18.28 8.32
N ALA B 140 -2.29 -18.50 7.58
CA ALA B 140 -2.00 -19.73 6.87
C ALA B 140 -0.93 -20.55 7.62
N GLU B 141 -0.62 -21.73 7.13
CA GLU B 141 0.37 -22.62 7.74
C GLU B 141 1.53 -22.84 6.75
N LEU B 142 2.73 -22.93 7.31
CA LEU B 142 3.94 -22.95 6.51
C LEU B 142 4.56 -24.34 6.60
N TYR B 143 4.99 -24.86 5.47
CA TYR B 143 5.82 -26.06 5.40
C TYR B 143 7.11 -25.63 4.74
N GLU B 144 8.23 -25.91 5.38
CA GLU B 144 9.54 -25.49 4.87
C GLU B 144 9.99 -26.36 3.71
N MET B 145 10.59 -25.72 2.71
CA MET B 145 11.31 -26.38 1.63
C MET B 145 12.76 -26.04 1.89
N PRO B 146 13.55 -27.01 2.35
CA PRO B 146 14.94 -26.66 2.70
C PRO B 146 15.78 -26.43 1.49
N LEU B 147 16.60 -25.39 1.47
CA LEU B 147 17.50 -25.16 0.32
C LEU B 147 18.89 -25.42 0.89
N TYR B 148 19.56 -26.45 0.39
CA TYR B 148 20.83 -26.92 0.87
C TYR B 148 21.90 -26.55 -0.13
N GLU B 149 23.10 -26.25 0.35
CA GLU B 149 24.20 -25.86 -0.51
C GLU B 149 24.50 -26.89 -1.59
N GLU B 150 24.45 -28.16 -1.20
CA GLU B 150 24.77 -29.26 -2.13
C GLU B 150 23.79 -29.38 -3.24
N ASN B 151 22.58 -28.85 -3.05
CA ASN B 151 21.61 -28.83 -4.13
C ASN B 151 21.61 -27.51 -4.88
N GLY B 152 22.69 -26.74 -4.71
CA GLY B 152 22.78 -25.37 -5.28
C GLY B 152 21.67 -24.46 -4.76
N TYR B 153 21.25 -24.69 -3.50
CA TYR B 153 20.18 -23.97 -2.89
C TYR B 153 18.90 -23.94 -3.74
N LEU B 154 18.71 -24.96 -4.58
CA LEU B 154 17.42 -25.21 -5.21
C LEU B 154 16.65 -26.23 -4.37
N PRO B 155 15.32 -26.08 -4.28
CA PRO B 155 14.57 -27.03 -3.51
C PRO B 155 14.59 -28.39 -4.20
N ASP B 156 14.46 -29.47 -3.41
CA ASP B 156 14.29 -30.81 -3.99
C ASP B 156 12.79 -31.17 -3.86
N PHE B 157 12.05 -30.98 -4.95
CA PHE B 157 10.59 -31.17 -4.91
C PHE B 157 10.15 -32.60 -4.55
N GLU B 158 10.94 -33.58 -5.00
CA GLU B 158 10.66 -35.01 -4.74
C GLU B 158 10.93 -35.45 -3.28
N LYS B 159 11.49 -34.56 -2.45
CA LYS B 159 11.69 -34.79 -1.05
C LYS B 159 10.53 -34.20 -0.21
N ILE B 160 9.58 -33.53 -0.84
CA ILE B 160 8.43 -32.96 -0.14
C ILE B 160 7.38 -34.05 -0.03
N ASP B 161 6.86 -34.20 1.18
CA ASP B 161 5.86 -35.18 1.48
C ASP B 161 4.64 -34.95 0.57
N PRO B 162 4.34 -35.93 -0.31
CA PRO B 162 3.21 -35.82 -1.25
C PRO B 162 1.87 -35.52 -0.64
N ALA B 163 1.66 -35.89 0.63
CA ALA B 163 0.45 -35.55 1.34
C ALA B 163 0.32 -34.00 1.54
N VAL B 164 1.43 -33.34 1.86
CA VAL B 164 1.40 -31.86 2.06
C VAL B 164 0.96 -31.20 0.76
N LEU B 165 1.37 -31.81 -0.35
CA LEU B 165 1.05 -31.28 -1.67
C LEU B 165 -0.42 -31.30 -2.03
N GLU B 166 -1.19 -32.17 -1.39
CA GLU B 166 -2.64 -32.20 -1.53
C GLU B 166 -3.26 -30.94 -0.93
N LYS B 167 -2.65 -30.44 0.14
CA LYS B 167 -3.12 -29.26 0.80
C LYS B 167 -2.36 -28.02 0.37
N ALA B 168 -1.17 -28.15 -0.18
CA ALA B 168 -0.37 -26.94 -0.52
C ALA B 168 -1.08 -26.12 -1.58
N LYS B 169 -1.27 -24.83 -1.32
CA LYS B 169 -1.94 -23.94 -2.25
C LYS B 169 -0.99 -22.96 -2.91
N LEU B 170 0.13 -22.68 -2.25
CA LEU B 170 1.08 -21.69 -2.72
C LEU B 170 2.52 -22.12 -2.46
N MET B 171 3.39 -21.78 -3.38
CA MET B 171 4.83 -21.94 -3.20
C MET B 171 5.58 -20.65 -3.62
N PHE B 172 6.59 -20.25 -2.86
CA PHE B 172 7.44 -19.11 -3.18
C PHE B 172 8.78 -19.67 -3.66
N LEU B 173 9.29 -19.12 -4.76
CA LEU B 173 10.68 -19.31 -5.22
C LEU B 173 11.32 -17.96 -5.51
N ASN B 174 12.66 -17.89 -5.41
CA ASN B 174 13.39 -16.63 -5.51
C ASN B 174 14.83 -16.84 -6.03
N TYR B 175 15.01 -16.63 -7.33
CA TYR B 175 16.29 -16.72 -8.00
C TYR B 175 16.41 -15.54 -8.98
N PRO B 176 17.54 -14.82 -9.02
CA PRO B 176 18.68 -14.94 -8.10
C PRO B 176 18.31 -14.73 -6.64
N ASN B 177 18.96 -15.52 -5.79
CA ASN B 177 18.44 -15.79 -4.48
C ASN B 177 18.96 -14.87 -3.37
N ASN B 178 18.02 -14.40 -2.58
CA ASN B 178 18.30 -13.68 -1.35
C ASN B 178 17.99 -14.63 -0.19
N PRO B 179 18.97 -15.02 0.63
CA PRO B 179 20.29 -14.43 0.86
C PRO B 179 21.47 -15.12 0.20
N THR B 180 21.25 -16.25 -0.49
CA THR B 180 22.34 -17.11 -0.85
C THR B 180 23.13 -16.74 -2.12
N GLY B 181 22.52 -15.94 -2.98
CA GLY B 181 23.11 -15.58 -4.22
C GLY B 181 23.03 -16.67 -5.30
N ALA B 182 22.38 -17.78 -5.00
CA ALA B 182 22.25 -18.88 -5.96
C ALA B 182 21.35 -18.48 -7.15
N VAL B 183 21.61 -19.10 -8.29
CA VAL B 183 20.87 -18.85 -9.51
C VAL B 183 20.17 -20.11 -10.00
N ALA B 184 19.18 -19.92 -10.83
CA ALA B 184 18.32 -21.01 -11.33
C ALA B 184 18.32 -20.92 -12.84
N ASP B 185 18.11 -22.06 -13.50
CA ASP B 185 18.08 -22.12 -14.98
C ASP B 185 16.70 -22.52 -15.49
N ALA B 186 16.56 -22.54 -16.81
CA ALA B 186 15.24 -22.73 -17.46
C ALA B 186 14.67 -24.09 -17.15
N ALA B 187 15.57 -25.07 -17.08
CA ALA B 187 15.17 -26.42 -16.73
C ALA B 187 14.54 -26.50 -15.32
N PHE B 188 15.18 -25.86 -14.34
CA PHE B 188 14.62 -25.77 -13.00
C PHE B 188 13.21 -25.20 -13.03
N TYR B 189 13.01 -24.12 -13.77
CA TYR B 189 11.71 -23.47 -13.83
C TYR B 189 10.66 -24.36 -14.50
N ALA B 190 11.04 -25.08 -15.56
CA ALA B 190 10.12 -26.01 -16.19
C ALA B 190 9.73 -27.13 -15.21
N LYS B 191 10.70 -27.62 -14.43
CA LYS B 191 10.38 -28.59 -13.40
C LYS B 191 9.41 -28.03 -12.34
N ALA B 192 9.68 -26.83 -11.86
CA ALA B 192 8.81 -26.20 -10.83
C ALA B 192 7.39 -26.05 -11.36
N ALA B 193 7.27 -25.57 -12.59
CA ALA B 193 5.95 -25.28 -13.16
C ALA B 193 5.17 -26.56 -13.30
N ALA B 194 5.82 -27.57 -13.86
CA ALA B 194 5.25 -28.91 -13.97
C ALA B 194 4.84 -29.50 -12.64
N PHE B 195 5.69 -29.30 -11.63
CA PHE B 195 5.36 -29.72 -10.31
C PHE B 195 4.12 -29.03 -9.72
N ALA B 196 4.08 -27.72 -9.90
CA ALA B 196 2.95 -26.92 -9.44
C ALA B 196 1.64 -27.30 -10.16
N LYS B 197 1.73 -27.56 -11.46
CA LYS B 197 0.57 -27.94 -12.25
C LYS B 197 0.01 -29.29 -11.79
N GLU B 198 0.89 -30.26 -11.55
CA GLU B 198 0.46 -31.56 -11.10
C GLU B 198 -0.32 -31.54 -9.76
N HIS B 199 0.12 -30.65 -8.87
CA HIS B 199 -0.28 -30.60 -7.49
C HIS B 199 -1.23 -29.43 -7.22
N ASN B 200 -1.62 -28.73 -8.29
CA ASN B 200 -2.41 -27.48 -8.25
C ASN B 200 -1.90 -26.54 -7.18
N ILE B 201 -0.62 -26.15 -7.30
CA ILE B 201 -0.01 -25.18 -6.40
C ILE B 201 0.20 -23.90 -7.23
N HIS B 202 -0.16 -22.75 -6.66
CA HIS B 202 0.09 -21.43 -7.24
C HIS B 202 1.57 -21.13 -7.02
N LEU B 203 2.24 -20.75 -8.06
CA LEU B 203 3.68 -20.48 -7.96
C LEU B 203 3.99 -18.99 -8.10
N ILE B 204 4.59 -18.41 -7.06
CA ILE B 204 5.01 -17.03 -7.10
C ILE B 204 6.53 -17.00 -7.13
N HIS B 205 7.09 -16.50 -8.24
CA HIS B 205 8.53 -16.31 -8.38
C HIS B 205 8.96 -14.86 -8.08
N ASP B 206 9.84 -14.68 -7.11
CA ASP B 206 10.25 -13.40 -6.64
C ASP B 206 11.52 -13.09 -7.41
N PHE B 207 11.38 -12.21 -8.37
CA PHE B 207 12.43 -11.87 -9.31
C PHE B 207 13.06 -10.53 -9.02
N ALA B 208 13.20 -10.22 -7.71
CA ALA B 208 13.75 -8.92 -7.33
C ALA B 208 15.19 -8.64 -7.83
N TYR B 209 15.99 -9.69 -8.04
CA TYR B 209 17.35 -9.57 -8.51
C TYR B 209 17.47 -10.01 -9.95
N GLY B 210 16.38 -9.87 -10.70
CA GLY B 210 16.36 -10.30 -12.10
C GLY B 210 17.32 -9.60 -13.04
N ALA B 211 17.88 -8.47 -12.65
CA ALA B 211 18.87 -7.81 -13.46
C ALA B 211 20.31 -8.26 -13.11
N PHE B 212 20.49 -8.99 -12.02
CA PHE B 212 21.83 -9.19 -11.45
C PHE B 212 22.23 -10.67 -11.39
N GLU B 213 22.45 -11.28 -12.54
CA GLU B 213 23.17 -12.55 -12.64
C GLU B 213 24.41 -12.23 -13.48
N PHE B 214 25.58 -12.62 -13.01
CA PHE B 214 26.80 -11.97 -13.53
C PHE B 214 27.34 -12.50 -14.83
N ASP B 215 27.33 -13.81 -15.00
CA ASP B 215 27.78 -14.41 -16.26
C ASP B 215 26.76 -14.16 -17.38
N GLN B 216 25.52 -14.60 -17.15
CA GLN B 216 24.40 -14.58 -18.12
C GLN B 216 23.29 -13.65 -17.62
N LYS B 217 22.38 -13.19 -18.49
CA LYS B 217 21.14 -12.52 -17.99
C LYS B 217 20.26 -13.62 -17.37
N PRO B 218 19.68 -13.37 -16.21
CA PRO B 218 19.00 -14.52 -15.60
C PRO B 218 17.76 -14.90 -16.37
N ALA B 219 17.40 -16.17 -16.26
CA ALA B 219 16.13 -16.66 -16.82
C ALA B 219 14.95 -16.21 -15.98
N SER B 220 13.89 -15.73 -16.64
CA SER B 220 12.63 -15.54 -16.04
C SER B 220 11.89 -16.90 -15.85
N PHE B 221 11.21 -17.07 -14.72
CA PHE B 221 10.25 -18.17 -14.49
C PHE B 221 9.28 -18.32 -15.68
N LEU B 222 8.86 -17.18 -16.19
CA LEU B 222 7.85 -17.14 -17.22
C LEU B 222 8.32 -17.63 -18.57
N GLU B 223 9.63 -17.86 -18.74
CA GLU B 223 10.15 -18.48 -19.95
C GLU B 223 9.74 -19.94 -20.00
N ALA B 224 9.45 -20.54 -18.83
CA ALA B 224 9.12 -21.96 -18.78
C ALA B 224 7.72 -22.30 -19.30
N GLU B 225 7.64 -23.48 -19.93
CA GLU B 225 6.38 -24.16 -20.31
C GLU B 225 5.46 -24.25 -19.13
N ASP B 226 4.22 -23.81 -19.30
CA ASP B 226 3.24 -23.86 -18.21
C ASP B 226 3.46 -22.90 -17.03
N ALA B 227 4.43 -22.01 -17.13
CA ALA B 227 4.69 -21.09 -16.04
C ALA B 227 3.47 -20.16 -15.92
N LYS B 228 3.06 -19.57 -17.06
CA LYS B 228 1.91 -18.66 -17.03
C LYS B 228 0.60 -19.39 -16.67
N THR B 229 0.59 -20.71 -16.73
CA THR B 229 -0.54 -21.50 -16.36
C THR B 229 -0.71 -21.63 -14.82
N VAL B 230 0.40 -21.56 -14.07
CA VAL B 230 0.36 -21.90 -12.63
C VAL B 230 0.74 -20.75 -11.70
N GLY B 231 1.22 -19.64 -12.23
CA GLY B 231 1.82 -18.62 -11.46
C GLY B 231 2.11 -17.26 -12.04
N ALA B 232 2.91 -16.52 -11.28
CA ALA B 232 3.22 -15.14 -11.55
C ALA B 232 4.63 -14.84 -11.11
N GLU B 233 5.19 -13.79 -11.68
CA GLU B 233 6.53 -13.32 -11.29
C GLU B 233 6.45 -11.89 -10.78
N LEU B 234 7.14 -11.61 -9.67
CA LEU B 234 7.19 -10.33 -9.08
C LEU B 234 8.45 -9.64 -9.45
N TYR B 235 8.32 -8.44 -9.99
CA TYR B 235 9.46 -7.67 -10.39
C TYR B 235 9.47 -6.31 -9.68
N SER B 236 10.60 -5.90 -9.13
CA SER B 236 10.75 -4.66 -8.41
C SER B 236 11.64 -3.68 -9.12
N PHE B 237 11.31 -2.40 -8.98
CA PHE B 237 12.14 -1.29 -9.46
C PHE B 237 13.31 -0.99 -8.57
N SER B 238 13.27 -1.48 -7.32
CA SER B 238 14.26 -1.08 -6.29
C SER B 238 15.72 -1.30 -6.62
N LYS B 239 16.10 -2.53 -6.88
CA LYS B 239 17.53 -2.88 -7.13
C LYS B 239 17.97 -2.63 -8.56
N THR B 240 17.12 -3.00 -9.51
CA THR B 240 17.41 -2.82 -10.93
C THR B 240 17.76 -1.37 -11.25
N PHE B 241 17.02 -0.42 -10.68
CA PHE B 241 17.11 1.01 -11.03
C PHE B 241 17.48 1.98 -9.91
N ASN B 242 18.03 1.47 -8.81
CA ASN B 242 18.31 2.28 -7.60
C ASN B 242 17.11 3.12 -7.25
N MET B 243 15.94 2.47 -7.24
CA MET B 243 14.69 3.12 -6.93
C MET B 243 14.04 2.57 -5.66
N ALA B 244 14.85 2.09 -4.70
CA ALA B 244 14.29 1.52 -3.46
C ALA B 244 13.32 2.39 -2.69
N GLY B 245 13.68 3.66 -2.52
CA GLY B 245 12.83 4.64 -1.80
C GLY B 245 11.54 4.99 -2.54
N TRP B 246 11.46 4.67 -3.85
CA TRP B 246 10.32 5.05 -4.68
C TRP B 246 9.07 4.15 -4.47
N ARG B 247 9.31 2.89 -4.06
CA ARG B 247 8.29 1.92 -3.72
C ARG B 247 7.44 1.56 -4.95
N MET B 248 8.03 0.85 -5.89
CA MET B 248 7.38 0.44 -7.12
C MET B 248 7.78 -0.95 -7.61
N ALA B 249 6.79 -1.70 -8.04
CA ALA B 249 6.94 -3.09 -8.42
C ALA B 249 5.77 -3.50 -9.31
N PHE B 250 5.90 -4.65 -9.95
CA PHE B 250 4.74 -5.23 -10.63
C PHE B 250 4.75 -6.73 -10.61
N ALA B 251 3.61 -7.31 -10.85
CA ALA B 251 3.51 -8.72 -11.13
C ALA B 251 3.06 -8.91 -12.57
N VAL B 252 3.66 -9.94 -13.18
CA VAL B 252 3.24 -10.44 -14.49
C VAL B 252 2.95 -11.94 -14.37
N GLY B 253 1.86 -12.38 -14.99
CA GLY B 253 1.50 -13.79 -14.90
C GLY B 253 0.10 -14.13 -15.31
N ASN B 254 -0.39 -15.27 -14.86
CA ASN B 254 -1.70 -15.69 -15.33
C ASN B 254 -2.85 -14.79 -14.87
N GLU B 255 -3.75 -14.60 -15.81
CA GLU B 255 -4.74 -13.57 -15.78
C GLU B 255 -5.65 -13.69 -14.58
N LYS B 256 -5.94 -14.91 -14.16
CA LYS B 256 -6.73 -15.18 -12.97
C LYS B 256 -6.04 -14.74 -11.64
N ILE B 257 -4.72 -14.89 -11.55
CA ILE B 257 -3.99 -14.39 -10.41
C ILE B 257 -4.05 -12.87 -10.39
N ILE B 258 -3.79 -12.27 -11.54
CA ILE B 258 -3.87 -10.87 -11.75
C ILE B 258 -5.27 -10.29 -11.46
N GLN B 259 -6.31 -10.94 -11.97
CA GLN B 259 -7.68 -10.53 -11.69
C GLN B 259 -7.94 -10.46 -10.16
N ALA B 260 -7.50 -11.48 -9.43
CA ALA B 260 -7.66 -11.50 -7.97
C ALA B 260 -6.90 -10.37 -7.29
N VAL B 261 -5.67 -10.16 -7.74
CA VAL B 261 -4.91 -8.98 -7.28
C VAL B 261 -5.70 -7.69 -7.52
N ASN B 262 -6.23 -7.52 -8.71
CA ASN B 262 -6.99 -6.33 -9.03
C ASN B 262 -8.24 -6.15 -8.14
N GLU B 263 -8.94 -7.23 -7.91
CA GLU B 263 -10.15 -7.17 -7.12
C GLU B 263 -9.83 -6.89 -5.67
N PHE B 264 -8.70 -7.37 -5.18
CA PHE B 264 -8.23 -6.93 -3.89
C PHE B 264 -7.85 -5.45 -3.86
N GLN B 265 -6.90 -5.05 -4.72
CA GLN B 265 -6.31 -3.75 -4.70
C GLN B 265 -7.23 -2.60 -5.00
N ASP B 266 -8.29 -2.85 -5.78
CA ASP B 266 -9.39 -1.90 -5.98
C ASP B 266 -9.87 -1.30 -4.67
N HIS B 267 -9.92 -2.11 -3.65
CA HIS B 267 -10.46 -1.70 -2.34
C HIS B 267 -9.42 -1.18 -1.36
N VAL B 268 -8.13 -1.32 -1.68
CA VAL B 268 -7.06 -1.01 -0.72
C VAL B 268 -5.99 -0.06 -1.31
N PHE B 269 -5.57 -0.27 -2.56
CA PHE B 269 -4.58 0.58 -3.29
C PHE B 269 -5.04 1.12 -4.65
N VAL B 270 -5.47 2.37 -4.78
CA VAL B 270 -6.04 2.90 -6.03
C VAL B 270 -5.03 3.11 -7.20
N GLY B 271 -3.99 2.28 -7.26
CA GLY B 271 -2.88 2.58 -8.15
C GLY B 271 -1.96 3.40 -7.27
N MET B 272 -0.97 4.02 -7.91
CA MET B 272 0.03 4.96 -7.31
C MET B 272 0.07 6.22 -8.20
N PHE B 273 0.74 7.25 -7.70
CA PHE B 273 0.79 8.54 -8.35
C PHE B 273 1.32 8.40 -9.79
N GLY B 274 0.60 9.00 -10.71
CA GLY B 274 0.95 8.92 -12.12
C GLY B 274 2.35 9.40 -12.43
N GLY B 275 2.80 10.43 -11.73
CA GLY B 275 4.17 10.82 -11.83
C GLY B 275 5.16 9.67 -11.58
N LEU B 276 4.90 8.86 -10.55
CA LEU B 276 5.70 7.66 -10.32
C LEU B 276 5.61 6.67 -11.48
N GLN B 277 4.42 6.54 -12.04
CA GLN B 277 4.20 5.62 -13.12
C GLN B 277 4.93 6.07 -14.37
N GLN B 278 4.93 7.37 -14.63
CA GLN B 278 5.74 7.91 -15.72
C GLN B 278 7.23 7.64 -15.53
N ALA B 279 7.70 7.84 -14.30
CA ALA B 279 9.08 7.58 -13.94
C ALA B 279 9.47 6.13 -14.20
N ALA B 280 8.60 5.24 -13.80
CA ALA B 280 8.77 3.82 -14.02
C ALA B 280 8.85 3.46 -15.46
N SER B 281 7.99 4.06 -16.25
CA SER B 281 7.90 3.75 -17.62
C SER B 281 9.20 4.17 -18.33
N ALA B 282 9.73 5.32 -17.94
CA ALA B 282 11.03 5.81 -18.43
C ALA B 282 12.18 4.88 -18.01
N ALA B 283 12.13 4.29 -16.79
CA ALA B 283 13.14 3.33 -16.38
C ALA B 283 13.14 2.13 -17.31
N LEU B 284 11.97 1.59 -17.57
CA LEU B 284 11.84 0.40 -18.38
C LEU B 284 12.22 0.62 -19.84
N SER B 285 11.95 1.80 -20.37
CA SER B 285 12.26 2.08 -21.79
C SER B 285 13.67 2.57 -21.93
N GLY B 286 14.34 2.79 -20.80
CA GLY B 286 15.67 3.30 -20.76
C GLY B 286 16.61 2.31 -21.37
N ASP B 287 17.77 2.83 -21.72
CA ASP B 287 18.76 2.06 -22.45
C ASP B 287 19.36 0.94 -21.55
N PRO B 288 19.24 -0.34 -21.96
CA PRO B 288 19.74 -1.49 -21.17
C PRO B 288 21.18 -1.36 -20.61
N GLU B 289 22.05 -0.63 -21.29
CA GLU B 289 23.43 -0.46 -20.86
C GLU B 289 23.61 0.28 -19.52
N HIS B 290 22.66 1.11 -19.11
CA HIS B 290 22.75 1.67 -17.74
C HIS B 290 22.75 0.50 -16.70
N THR B 291 21.89 -0.48 -16.92
CA THR B 291 21.71 -1.59 -16.02
C THR B 291 22.93 -2.49 -16.07
N GLU B 292 23.39 -2.77 -17.29
CA GLU B 292 24.54 -3.60 -17.52
C GLU B 292 25.74 -3.04 -16.77
N SER B 293 25.87 -1.73 -16.84
CA SER B 293 26.91 -1.02 -16.12
C SER B 293 26.86 -1.23 -14.60
N LEU B 294 25.66 -1.06 -14.06
CA LEU B 294 25.43 -1.22 -12.64
C LEU B 294 25.83 -2.59 -12.15
N LYS B 295 25.45 -3.61 -12.94
CA LYS B 295 25.76 -4.99 -12.68
C LYS B 295 27.27 -5.18 -12.59
N ARG B 296 27.99 -4.57 -13.52
CA ARG B 296 29.44 -4.65 -13.49
C ARG B 296 30.05 -4.04 -12.24
N ILE B 297 29.50 -2.92 -11.78
CA ILE B 297 29.98 -2.31 -10.52
C ILE B 297 29.85 -3.32 -9.32
N TYR B 298 28.70 -3.97 -9.24
CA TYR B 298 28.43 -4.92 -8.19
C TYR B 298 29.36 -6.11 -8.26
N LYS B 299 29.54 -6.62 -9.47
CA LYS B 299 30.50 -7.69 -9.69
C LYS B 299 31.94 -7.31 -9.24
N GLU B 300 32.39 -6.10 -9.56
CA GLU B 300 33.70 -5.63 -9.14
C GLU B 300 33.80 -5.47 -7.62
N ARG B 301 32.73 -5.00 -6.97
CA ARG B 301 32.65 -4.95 -5.53
C ARG B 301 32.72 -6.30 -4.91
N ILE B 302 31.96 -7.25 -5.45
CA ILE B 302 32.01 -8.62 -4.96
C ILE B 302 33.43 -9.21 -5.08
N ASP B 303 34.04 -9.06 -6.25
CA ASP B 303 35.42 -9.58 -6.47
C ASP B 303 36.41 -8.98 -5.48
N PHE B 304 36.36 -7.68 -5.32
CA PHE B 304 37.20 -6.95 -4.40
C PHE B 304 37.00 -7.44 -2.97
N PHE B 305 35.75 -7.42 -2.53
CA PHE B 305 35.43 -7.78 -1.13
C PHE B 305 35.79 -9.22 -0.76
N THR B 306 35.45 -10.17 -1.62
CA THR B 306 35.72 -11.57 -1.25
C THR B 306 37.23 -11.81 -1.22
N ALA B 307 37.96 -11.15 -2.12
CA ALA B 307 39.41 -11.26 -2.14
C ALA B 307 39.99 -10.61 -0.91
N LEU B 308 39.48 -9.44 -0.52
CA LEU B 308 40.02 -8.77 0.66
C LEU B 308 39.72 -9.47 1.97
N CYS B 309 38.49 -10.00 2.10
CA CYS B 309 38.17 -10.80 3.26
C CYS B 309 39.06 -12.02 3.45
N GLU B 310 39.40 -12.67 2.36
CA GLU B 310 40.23 -13.86 2.43
C GLU B 310 41.64 -13.49 2.89
N LYS B 311 42.22 -12.52 2.21
CA LYS B 311 43.56 -12.01 2.50
C LYS B 311 43.70 -11.52 3.93
N GLU B 312 42.86 -10.52 4.28
CA GLU B 312 42.98 -9.77 5.52
C GLU B 312 42.37 -10.42 6.75
N LEU B 313 41.29 -11.16 6.57
CA LEU B 313 40.60 -11.83 7.68
C LEU B 313 40.76 -13.31 7.71
N GLY B 314 41.03 -13.92 6.57
CA GLY B 314 41.02 -15.35 6.46
C GLY B 314 39.59 -15.89 6.33
N TRP B 315 38.66 -15.00 6.00
CA TRP B 315 37.24 -15.36 5.91
C TRP B 315 36.94 -15.77 4.46
N LYS B 316 36.86 -17.05 4.22
CA LYS B 316 36.63 -17.58 2.91
C LYS B 316 35.14 -17.64 2.60
N MET B 317 34.75 -16.94 1.54
CA MET B 317 33.34 -16.87 1.12
C MET B 317 33.27 -17.23 -0.34
N GLU B 318 32.23 -17.95 -0.74
CA GLU B 318 31.93 -18.18 -2.18
C GLU B 318 31.48 -16.90 -2.81
N LYS B 319 31.88 -16.69 -4.06
CA LYS B 319 31.35 -15.60 -4.84
C LYS B 319 29.88 -15.95 -5.17
N PRO B 320 28.95 -15.02 -4.94
CA PRO B 320 27.56 -15.34 -5.35
C PRO B 320 27.45 -15.42 -6.88
N LYS B 321 26.54 -16.22 -7.41
CA LYS B 321 26.28 -16.22 -8.86
C LYS B 321 25.42 -15.03 -9.28
N GLY B 322 24.65 -14.51 -8.35
CA GLY B 322 23.80 -13.34 -8.62
C GLY B 322 23.53 -12.59 -7.36
N THR B 323 22.73 -11.53 -7.47
CA THR B 323 22.50 -10.56 -6.38
C THR B 323 23.76 -9.82 -5.97
N PHE B 324 23.61 -8.82 -5.08
CA PHE B 324 24.76 -8.12 -4.51
C PHE B 324 25.10 -8.60 -3.07
N TYR B 325 24.70 -9.82 -2.72
CA TYR B 325 24.92 -10.32 -1.40
C TYR B 325 26.01 -11.36 -1.32
N VAL B 326 26.78 -11.31 -0.27
CA VAL B 326 27.68 -12.45 0.05
C VAL B 326 27.09 -13.17 1.24
N TRP B 327 27.09 -14.50 1.20
CA TRP B 327 26.51 -15.37 2.25
C TRP B 327 27.69 -16.09 2.90
N ALA B 328 27.99 -15.78 4.15
CA ALA B 328 29.26 -16.15 4.77
C ALA B 328 29.02 -16.87 6.07
N GLU B 329 29.80 -17.91 6.35
CA GLU B 329 29.75 -18.63 7.62
C GLU B 329 30.28 -17.79 8.77
N ILE B 330 29.58 -17.79 9.91
CA ILE B 330 30.01 -17.06 11.08
C ILE B 330 31.19 -17.78 11.77
N PRO B 331 31.97 -17.05 12.59
CA PRO B 331 33.09 -17.73 13.29
C PRO B 331 32.65 -18.94 14.09
N ASN B 332 33.50 -19.93 14.11
CA ASN B 332 33.26 -21.17 14.84
C ASN B 332 33.13 -21.00 16.32
N THR B 333 33.61 -19.88 16.86
CA THR B 333 33.47 -19.57 18.28
C THR B 333 32.15 -18.91 18.64
N PHE B 334 31.31 -18.53 17.66
CA PHE B 334 30.03 -17.95 18.00
C PHE B 334 28.89 -19.01 17.96
N GLU B 335 27.89 -18.79 18.80
CA GLU B 335 26.76 -19.68 18.85
C GLU B 335 25.75 -19.46 17.72
N THR B 336 25.43 -18.21 17.40
CA THR B 336 24.33 -17.92 16.46
C THR B 336 24.62 -16.67 15.69
N SER B 337 23.89 -16.55 14.58
CA SER B 337 24.09 -15.45 13.66
C SER B 337 23.70 -14.13 14.26
N HIS B 338 22.69 -14.11 15.12
CA HIS B 338 22.26 -12.91 15.81
C HIS B 338 23.32 -12.47 16.83
N GLN B 339 23.94 -13.42 17.52
CA GLN B 339 25.03 -13.08 18.45
C GLN B 339 26.16 -12.47 17.68
N PHE B 340 26.48 -13.02 16.51
CA PHE B 340 27.55 -12.49 15.71
C PHE B 340 27.29 -11.10 15.17
N SER B 341 26.12 -10.91 14.55
CA SER B 341 25.63 -9.62 14.04
C SER B 341 25.62 -8.52 15.13
N ASP B 342 25.03 -8.83 16.28
CA ASP B 342 25.04 -7.89 17.43
C ASP B 342 26.43 -7.52 17.87
N TYR B 343 27.29 -8.53 17.92
CA TYR B 343 28.75 -8.33 18.21
C TYR B 343 29.44 -7.41 17.25
N LEU B 344 29.26 -7.63 15.94
CA LEU B 344 29.85 -6.76 15.01
C LEU B 344 29.33 -5.33 15.13
N LEU B 345 28.04 -5.19 15.36
CA LEU B 345 27.50 -3.85 15.49
C LEU B 345 28.11 -3.15 16.69
N GLU B 346 28.17 -3.84 17.83
CA GLU B 346 28.67 -3.23 19.09
C GLU B 346 30.15 -2.94 19.03
N HIS B 347 30.94 -3.89 18.53
CA HIS B 347 32.39 -3.79 18.66
C HIS B 347 33.14 -3.34 17.41
N ALA B 348 32.53 -3.49 16.23
CA ALA B 348 33.15 -2.98 15.01
C ALA B 348 32.37 -1.80 14.41
N HIS B 349 31.20 -1.52 14.91
CA HIS B 349 30.36 -0.52 14.26
C HIS B 349 30.08 -0.80 12.81
N VAL B 350 29.80 -2.05 12.49
CA VAL B 350 29.33 -2.40 11.12
C VAL B 350 28.09 -3.28 11.22
N VAL B 351 27.27 -3.26 10.18
CA VAL B 351 26.05 -4.02 10.15
C VAL B 351 26.18 -5.11 9.11
N VAL B 352 25.93 -6.35 9.55
CA VAL B 352 25.68 -7.51 8.65
C VAL B 352 24.33 -8.07 9.07
N THR B 353 23.66 -8.80 8.18
CA THR B 353 22.36 -9.32 8.50
C THR B 353 22.46 -10.79 8.99
N PRO B 354 21.90 -11.09 10.16
CA PRO B 354 21.97 -12.46 10.70
C PRO B 354 21.16 -13.41 9.87
N GLY B 355 21.78 -14.49 9.42
CA GLY B 355 21.16 -15.45 8.60
C GLY B 355 19.93 -16.06 9.21
N GLU B 356 19.85 -16.12 10.55
CA GLU B 356 18.68 -16.80 11.20
C GLU B 356 17.31 -16.18 10.82
N ILE B 357 17.27 -14.90 10.46
CA ILE B 357 15.98 -14.27 10.06
C ILE B 357 15.40 -14.81 8.75
N PHE B 358 16.24 -15.46 7.97
CA PHE B 358 15.85 -16.15 6.72
C PHE B 358 15.36 -17.57 6.95
N GLY B 359 15.48 -18.07 8.17
CA GLY B 359 15.03 -19.40 8.52
C GLY B 359 16.15 -20.14 9.23
N SER B 360 15.82 -21.30 9.78
CA SER B 360 16.78 -22.07 10.58
C SER B 360 18.03 -22.48 9.82
N ASN B 361 17.92 -22.64 8.51
CA ASN B 361 19.08 -22.97 7.71
C ASN B 361 20.12 -21.82 7.55
N GLY B 362 19.80 -20.65 8.03
CA GLY B 362 20.69 -19.49 8.02
C GLY B 362 21.33 -19.23 9.40
N LYS B 363 21.12 -20.14 10.32
CA LYS B 363 21.61 -19.95 11.66
C LYS B 363 23.11 -19.78 11.85
N ARG B 364 23.92 -20.32 10.99
CA ARG B 364 25.36 -20.13 11.11
C ARG B 364 25.96 -19.25 10.03
N HIS B 365 25.12 -18.45 9.40
CA HIS B 365 25.54 -17.56 8.35
C HIS B 365 25.17 -16.12 8.62
N VAL B 366 25.90 -15.20 7.99
CA VAL B 366 25.41 -13.79 7.85
C VAL B 366 25.42 -13.44 6.36
N ARG B 367 24.52 -12.55 6.01
CA ARG B 367 24.42 -11.93 4.74
C ARG B 367 25.07 -10.55 4.73
N ILE B 368 25.92 -10.29 3.76
CA ILE B 368 26.57 -8.97 3.62
C ILE B 368 26.24 -8.37 2.27
N SER B 369 25.72 -7.15 2.26
CA SER B 369 25.32 -6.47 1.05
C SER B 369 26.44 -5.60 0.49
N MET B 370 26.75 -5.74 -0.80
CA MET B 370 27.82 -4.93 -1.46
C MET B 370 27.33 -3.56 -1.90
N VAL B 371 26.79 -2.81 -0.93
CA VAL B 371 26.14 -1.55 -1.13
C VAL B 371 26.95 -0.37 -0.60
N SER B 372 28.27 -0.47 -0.65
CA SER B 372 29.14 0.65 -0.43
C SER B 372 30.27 0.60 -1.43
N LYS B 373 30.90 1.73 -1.65
CA LYS B 373 32.09 1.77 -2.49
C LYS B 373 33.26 0.99 -1.92
N GLN B 374 34.20 0.70 -2.80
CA GLN B 374 35.36 -0.13 -2.48
C GLN B 374 36.15 0.36 -1.26
N GLU B 375 36.36 1.67 -1.14
CA GLU B 375 37.07 2.21 0.04
C GLU B 375 36.26 2.02 1.38
N ASP B 376 34.94 2.04 1.32
CA ASP B 376 34.08 1.77 2.48
C ASP B 376 34.08 0.28 2.82
N LEU B 377 34.06 -0.58 1.78
CA LEU B 377 34.24 -2.02 1.94
C LEU B 377 35.55 -2.36 2.62
N ARG B 378 36.63 -1.68 2.21
CA ARG B 378 37.94 -1.81 2.87
C ARG B 378 37.93 -1.40 4.33
N GLU B 379 37.33 -0.26 4.66
CA GLU B 379 37.21 0.12 6.06
C GLU B 379 36.41 -0.92 6.87
N PHE B 380 35.37 -1.48 6.25
CA PHE B 380 34.55 -2.54 6.91
C PHE B 380 35.45 -3.68 7.29
N VAL B 381 36.29 -4.12 6.34
CA VAL B 381 37.23 -5.20 6.62
C VAL B 381 38.24 -4.84 7.70
N THR B 382 38.82 -3.66 7.58
CA THR B 382 39.81 -3.19 8.56
C THR B 382 39.23 -3.05 9.99
N ARG B 383 37.97 -2.61 10.12
CA ARG B 383 37.30 -2.58 11.41
C ARG B 383 37.20 -4.00 12.03
N ILE B 384 36.88 -4.99 11.21
CA ILE B 384 36.71 -6.38 11.69
C ILE B 384 38.07 -7.01 12.00
N GLN B 385 39.08 -6.63 11.23
CA GLN B 385 40.40 -7.18 11.36
C GLN B 385 40.98 -6.87 12.75
N LYS B 386 40.65 -5.71 13.31
CA LYS B 386 41.16 -5.32 14.63
C LYS B 386 40.66 -6.24 15.72
N LEU B 387 39.52 -6.92 15.49
CA LEU B 387 38.93 -7.77 16.50
C LEU B 387 39.54 -9.17 16.60
N ASN B 388 40.41 -9.53 15.65
CA ASN B 388 41.10 -10.81 15.64
C ASN B 388 40.16 -11.98 15.83
N LEU B 389 39.15 -12.08 14.96
CA LEU B 389 38.19 -13.16 15.05
C LEU B 389 38.71 -14.39 14.33
N PRO B 390 38.27 -15.57 14.76
CA PRO B 390 38.57 -16.82 14.05
C PRO B 390 37.55 -17.16 12.98
N PHE B 391 37.92 -17.07 11.73
CA PHE B 391 36.99 -17.37 10.68
C PHE B 391 37.17 -18.78 10.08
N GLY B 392 36.98 -19.78 10.92
CA GLY B 392 37.09 -21.19 10.51
C GLY B 392 35.68 -21.70 10.21
N SER B 393 35.59 -22.77 9.43
CA SER B 393 34.28 -23.39 9.15
C SER B 393 34.15 -24.67 9.96
N LEU B 394 32.90 -24.95 10.30
CA LEU B 394 32.46 -26.18 10.89
C LEU B 394 31.64 -26.99 9.90
N GLN B 395 31.25 -26.38 8.78
CA GLN B 395 30.38 -26.97 7.74
C GLN B 395 31.21 -27.50 6.57
#